data_7JX9
#
_entry.id   7JX9
#
_cell.length_a   115.304
_cell.length_b   115.304
_cell.length_c   185.431
_cell.angle_alpha   90.000
_cell.angle_beta   90.000
_cell.angle_gamma   120.000
#
_symmetry.space_group_name_H-M   'P 32 2 1'
#
loop_
_entity.id
_entity.type
_entity.pdbx_description
1 polymer 'Ornithine aminotransferase, mitochondrial'
2 non-polymer '(1S,3S,4S)-3-[(E)-({3-hydroxy-2-methyl-5-[(phosphonooxy)methyl]pyridin-4-yl}methylidene)amino]-4-(1,1,3,3,3-pentafluoroprop-1-en-2-yl)cyclopentane-1-carboxylic acid'
3 non-polymer N-[1,3-dihydroxy-2-(hydroxymethyl)propan-2-yl]glycine
4 water water
#
_entity_poly.entity_id   1
_entity_poly.type   'polypeptide(L)'
_entity_poly.pdbx_seq_one_letter_code
;GPPTSDDIFEREYKYGAHNYHPLPVALERGKGIYLWDVEGRKYFDFLSSYSAVNQGHCHPKIVNALKSQVDKLTLTSRAF
YNNVLGEYEEYITKLFNYHKVLPMNTGVEAGETACKLARKWGYTVKGIQKYKAKIVFAAGNFWGRTLSAISSSTDPTSYD
GFGPFMPGFDIIPYNDLPALERALQDPNVAAFMVEPIQGEAGVVVPDPGYLMGVRELCTRHQVLFIADEIQTGLARTGRW
LAVDYENVRPDIVLLGKALSGGLYPVSAVLCDDDIMLTIKPGEHGSTYGGNPLGCRVAIAALEVLEEENLAENADKLGII
LRNELMKLPSDVVTAVRGKGLLNAIVIKETKDWDAWKVCLRLRDNGLLAKPTHGDIIRFAPPLVIKEDELRESIEIINKT
ILSF
;
_entity_poly.pdbx_strand_id   A,B,C
#
loop_
_chem_comp.id
_chem_comp.type
_chem_comp.name
_chem_comp.formula
IF1 non-polymer '(1S,3S,4S)-3-[(E)-({3-hydroxy-2-methyl-5-[(phosphonooxy)methyl]pyridin-4-yl}methylidene)amino]-4-(1,1,3,3,3-pentafluoroprop-1-en-2-yl)cyclopentane-1-carboxylic acid' 'C17 H18 F5 N2 O7 P'
VLS non-polymer N-[1,3-dihydroxy-2-(hydroxymethyl)propan-2-yl]glycine 'C6 H13 N O5'
#
# COMPACT_ATOMS: atom_id res chain seq x y z
N PRO A 3 27.54 -30.84 -17.98
CA PRO A 3 26.31 -30.19 -17.46
C PRO A 3 26.67 -28.92 -16.72
N THR A 4 26.44 -27.77 -17.35
CA THR A 4 26.94 -26.50 -16.85
C THR A 4 25.98 -25.90 -15.82
N SER A 5 26.39 -24.77 -15.23
CA SER A 5 25.53 -24.08 -14.28
C SER A 5 24.25 -23.61 -14.93
N ASP A 6 24.35 -23.07 -16.15
CA ASP A 6 23.17 -22.59 -16.86
C ASP A 6 22.22 -23.74 -17.19
N ASP A 7 22.75 -24.89 -17.59
CA ASP A 7 21.93 -26.06 -17.80
C ASP A 7 21.19 -26.45 -16.52
N ILE A 8 21.89 -26.39 -15.38
CA ILE A 8 21.31 -26.78 -14.10
C ILE A 8 20.16 -25.85 -13.72
N PHE A 9 20.35 -24.54 -13.92
CA PHE A 9 19.27 -23.59 -13.66
C PHE A 9 18.06 -23.88 -14.54
N GLU A 10 18.29 -24.07 -15.83
CA GLU A 10 17.17 -24.24 -16.75
C GLU A 10 16.39 -25.50 -16.42
N ARG A 11 17.08 -26.55 -16.02
CA ARG A 11 16.37 -27.80 -15.83
C ARG A 11 15.51 -27.78 -14.57
N GLU A 12 15.99 -27.13 -13.50
CA GLU A 12 15.15 -26.94 -12.32
C GLU A 12 13.94 -26.09 -12.66
N TYR A 13 14.14 -25.06 -13.49
CA TYR A 13 13.05 -24.17 -13.87
C TYR A 13 11.96 -24.91 -14.63
N LYS A 14 12.33 -25.92 -15.41
CA LYS A 14 11.36 -26.65 -16.21
C LYS A 14 10.57 -27.65 -15.36
N TYR A 15 11.26 -28.40 -14.50
CA TYR A 15 10.67 -29.57 -13.86
C TYR A 15 10.36 -29.37 -12.38
N GLY A 16 10.78 -28.26 -11.78
CA GLY A 16 10.64 -28.07 -10.35
C GLY A 16 9.71 -26.90 -10.08
N ALA A 17 9.07 -26.92 -8.92
CA ALA A 17 8.23 -25.79 -8.52
C ALA A 17 9.08 -24.52 -8.44
N HIS A 18 8.45 -23.37 -8.64
CA HIS A 18 9.13 -22.08 -8.50
C HIS A 18 8.90 -21.45 -7.12
N ASN A 19 8.97 -22.23 -6.03
CA ASN A 19 8.77 -21.63 -4.72
C ASN A 19 10.02 -20.94 -4.18
N TYR A 20 11.16 -21.07 -4.87
CA TYR A 20 12.38 -20.40 -4.50
C TYR A 20 12.94 -19.63 -5.68
N HIS A 21 13.74 -18.61 -5.40
CA HIS A 21 14.56 -17.95 -6.42
C HIS A 21 16.00 -17.95 -5.91
N PRO A 22 16.73 -19.05 -6.06
CA PRO A 22 18.06 -19.14 -5.45
C PRO A 22 19.04 -18.18 -6.11
N LEU A 23 20.15 -17.95 -5.41
CA LEU A 23 21.25 -17.20 -6.00
C LEU A 23 21.84 -18.02 -7.16
N PRO A 24 22.10 -17.41 -8.34
CA PRO A 24 22.58 -18.20 -9.50
C PRO A 24 23.97 -18.80 -9.29
N VAL A 25 24.04 -19.88 -8.52
CA VAL A 25 25.28 -20.63 -8.37
C VAL A 25 24.89 -22.09 -8.19
N ALA A 26 25.57 -22.96 -8.93
CA ALA A 26 25.20 -24.38 -9.06
C ALA A 26 26.25 -25.21 -8.33
N LEU A 27 25.93 -25.64 -7.12
CA LEU A 27 26.95 -26.23 -6.28
C LEU A 27 26.99 -27.73 -6.50
N GLU A 28 28.20 -28.27 -6.58
CA GLU A 28 28.38 -29.72 -6.64
C GLU A 28 29.06 -30.28 -5.41
N ARG A 29 29.86 -29.49 -4.71
CA ARG A 29 30.60 -30.21 -3.71
C ARG A 29 30.95 -29.25 -2.58
N GLY A 30 31.04 -29.79 -1.38
CA GLY A 30 31.32 -28.96 -0.22
C GLY A 30 32.05 -29.70 0.87
N LYS A 31 32.96 -29.01 1.56
CA LYS A 31 33.54 -29.61 2.75
C LYS A 31 34.09 -28.49 3.62
N GLY A 32 33.92 -28.64 4.93
CA GLY A 32 34.33 -27.58 5.84
C GLY A 32 33.57 -26.31 5.54
N ILE A 33 34.31 -25.22 5.34
CA ILE A 33 33.72 -23.92 5.06
C ILE A 33 33.61 -23.64 3.57
N TYR A 34 34.03 -24.58 2.72
CA TYR A 34 34.08 -24.31 1.30
C TYR A 34 33.02 -25.08 0.53
N LEU A 35 32.58 -24.47 -0.56
CA LEU A 35 31.74 -25.11 -1.54
C LEU A 35 32.38 -24.93 -2.92
N TRP A 36 32.19 -25.91 -3.80
CA TRP A 36 32.67 -25.88 -5.18
C TRP A 36 31.50 -25.98 -6.15
N ASP A 37 31.46 -25.14 -7.17
CA ASP A 37 30.39 -25.29 -8.15
C ASP A 37 30.79 -26.32 -9.22
N VAL A 38 29.91 -26.49 -10.23
CA VAL A 38 30.12 -27.51 -11.27
C VAL A 38 31.33 -27.19 -12.14
N GLU A 39 31.64 -25.91 -12.35
CA GLU A 39 32.84 -25.53 -13.06
C GLU A 39 34.10 -25.52 -12.19
N GLY A 40 34.03 -26.02 -10.95
CA GLY A 40 35.19 -26.14 -10.10
C GLY A 40 35.55 -24.92 -9.27
N ARG A 41 34.90 -23.76 -9.50
CA ARG A 41 35.21 -22.58 -8.71
C ARG A 41 34.92 -22.82 -7.22
N LYS A 42 35.73 -22.21 -6.37
CA LYS A 42 35.74 -22.44 -4.92
C LYS A 42 35.18 -21.23 -4.18
N TYR A 43 34.37 -21.47 -3.14
CA TYR A 43 33.68 -20.39 -2.45
C TYR A 43 33.71 -20.59 -0.94
N PHE A 44 33.73 -19.47 -0.22
CA PHE A 44 33.40 -19.50 1.20
C PHE A 44 31.89 -19.57 1.37
N ASP A 45 31.44 -20.43 2.29
CA ASP A 45 30.03 -20.55 2.61
C ASP A 45 29.74 -19.65 3.81
N PHE A 46 29.09 -18.52 3.58
CA PHE A 46 28.61 -17.66 4.65
C PHE A 46 27.10 -17.72 4.85
N LEU A 47 26.52 -18.86 4.57
CA LEU A 47 25.14 -19.10 4.93
C LEU A 47 24.98 -20.32 5.82
N SER A 48 25.90 -21.29 5.72
CA SER A 48 25.85 -22.52 6.49
C SER A 48 24.51 -23.24 6.32
N SER A 49 23.91 -23.14 5.14
CA SER A 49 22.62 -23.76 4.88
C SER A 49 21.63 -23.39 5.97
N TYR A 50 21.51 -22.08 6.19
CA TYR A 50 20.64 -21.50 7.22
C TYR A 50 20.97 -22.03 8.60
N SER A 51 22.26 -22.24 8.86
N SER A 51 22.27 -22.21 8.86
CA SER A 51 22.79 -22.66 10.16
CA SER A 51 22.84 -22.66 10.13
C SER A 51 22.58 -24.14 10.42
C SER A 51 22.62 -24.14 10.40
N ALA A 52 22.36 -24.96 9.38
CA ALA A 52 22.32 -26.39 9.57
C ALA A 52 23.70 -27.05 9.49
N VAL A 53 24.66 -26.45 8.79
CA VAL A 53 26.00 -27.05 8.76
C VAL A 53 26.93 -26.24 9.66
N ASN A 54 26.51 -26.04 10.92
CA ASN A 54 27.40 -25.44 11.93
C ASN A 54 28.76 -26.14 11.96
N GLN A 55 28.76 -27.46 11.83
CA GLN A 55 29.93 -28.31 11.96
C GLN A 55 30.77 -28.37 10.67
N GLY A 56 30.44 -27.56 9.68
CA GLY A 56 31.09 -27.66 8.38
C GLY A 56 30.46 -28.73 7.50
N HIS A 57 30.50 -28.52 6.19
CA HIS A 57 29.98 -29.54 5.28
C HIS A 57 30.73 -30.86 5.45
N CYS A 58 29.97 -31.96 5.44
CA CYS A 58 30.51 -33.31 5.42
C CYS A 58 31.59 -33.52 6.47
N HIS A 59 31.30 -33.10 7.70
CA HIS A 59 32.25 -33.38 8.77
C HIS A 59 32.52 -34.87 8.83
N PRO A 60 33.78 -35.29 8.82
CA PRO A 60 34.06 -36.74 8.73
C PRO A 60 33.51 -37.56 9.88
N LYS A 61 33.45 -37.00 11.10
CA LYS A 61 32.90 -37.77 12.22
C LYS A 61 31.41 -38.07 12.02
N ILE A 62 30.66 -37.10 11.49
CA ILE A 62 29.23 -37.31 11.30
C ILE A 62 28.99 -38.22 10.10
N VAL A 63 29.81 -38.06 9.06
CA VAL A 63 29.74 -38.95 7.89
C VAL A 63 29.95 -40.40 8.30
N ASN A 64 31.00 -40.66 9.09
CA ASN A 64 31.30 -42.03 9.50
C ASN A 64 30.18 -42.60 10.37
N ALA A 65 29.55 -41.77 11.20
CA ALA A 65 28.35 -42.22 11.91
C ALA A 65 27.25 -42.63 10.94
N LEU A 66 27.06 -41.85 9.87
CA LEU A 66 26.03 -42.21 8.87
C LEU A 66 26.40 -43.51 8.16
N LYS A 67 27.67 -43.64 7.75
CA LYS A 67 28.06 -44.82 6.97
C LYS A 67 28.04 -46.07 7.84
N SER A 68 28.41 -45.95 9.10
CA SER A 68 28.36 -47.12 9.97
C SER A 68 26.93 -47.59 10.17
N GLN A 69 26.00 -46.65 10.37
CA GLN A 69 24.63 -47.04 10.66
C GLN A 69 23.84 -47.42 9.43
N VAL A 70 24.18 -46.88 8.25
CA VAL A 70 23.33 -47.16 7.10
C VAL A 70 23.52 -48.59 6.61
N ASP A 71 24.61 -49.25 7.02
CA ASP A 71 24.83 -50.67 6.70
C ASP A 71 24.16 -51.60 7.71
N LYS A 72 23.55 -51.04 8.76
CA LYS A 72 22.99 -51.82 9.86
C LYS A 72 21.47 -51.83 9.89
N LEU A 73 20.85 -50.64 9.89
CA LEU A 73 19.43 -50.42 10.14
C LEU A 73 19.10 -48.93 10.06
N THR A 74 18.13 -48.54 9.22
CA THR A 74 17.80 -47.14 9.06
C THR A 74 16.40 -46.76 9.53
N LEU A 75 15.45 -47.69 9.60
CA LEU A 75 14.08 -47.33 9.91
C LEU A 75 13.24 -48.54 10.28
N THR A 76 12.81 -48.62 11.54
CA THR A 76 11.87 -49.64 11.93
C THR A 76 10.45 -49.09 12.04
N SER A 77 10.30 -47.76 12.02
CA SER A 77 9.11 -47.04 12.48
C SER A 77 9.00 -47.20 13.97
N ARG A 78 8.24 -46.35 14.64
N ARG A 78 8.18 -46.36 14.59
CA ARG A 78 8.12 -46.49 16.09
CA ARG A 78 7.94 -46.35 16.03
C ARG A 78 6.98 -47.43 16.47
C ARG A 78 7.01 -47.47 16.47
N ALA A 79 6.60 -48.34 15.58
CA ALA A 79 5.78 -49.48 15.99
C ALA A 79 6.60 -50.47 16.82
N PHE A 80 7.91 -50.55 16.59
CA PHE A 80 8.83 -51.35 17.39
C PHE A 80 9.90 -50.45 17.96
N TYR A 81 10.70 -51.01 18.89
CA TYR A 81 11.89 -50.33 19.40
C TYR A 81 13.10 -50.61 18.51
N ASN A 82 13.96 -49.62 18.37
CA ASN A 82 15.31 -49.85 17.86
C ASN A 82 16.30 -49.59 19.00
N ASN A 83 17.57 -49.95 18.78
CA ASN A 83 18.53 -49.89 19.87
C ASN A 83 19.25 -48.55 19.96
N VAL A 84 19.06 -47.66 18.99
CA VAL A 84 19.77 -46.38 18.95
C VAL A 84 18.99 -45.25 19.64
N LEU A 85 17.66 -45.22 19.46
CA LEU A 85 16.87 -44.04 19.83
C LEU A 85 17.11 -43.62 21.27
N GLY A 86 17.07 -44.58 22.19
CA GLY A 86 17.24 -44.24 23.60
C GLY A 86 18.60 -43.63 23.91
N GLU A 87 19.67 -44.23 23.38
CA GLU A 87 21.01 -43.67 23.61
C GLU A 87 21.04 -42.21 23.22
N TYR A 88 20.43 -41.88 22.09
CA TYR A 88 20.30 -40.48 21.71
C TYR A 88 19.47 -39.71 22.73
N GLU A 89 18.36 -40.31 23.20
CA GLU A 89 17.48 -39.63 24.15
C GLU A 89 18.16 -39.39 25.48
N GLU A 90 18.84 -40.42 26.00
CA GLU A 90 19.61 -40.22 27.22
C GLU A 90 20.67 -39.13 27.03
N TYR A 91 21.36 -39.14 25.90
CA TYR A 91 22.42 -38.17 25.67
C TYR A 91 21.89 -36.74 25.58
N ILE A 92 20.86 -36.52 24.78
CA ILE A 92 20.45 -35.12 24.55
C ILE A 92 19.72 -34.56 25.77
N THR A 93 18.99 -35.40 26.50
CA THR A 93 18.27 -34.88 27.68
C THR A 93 19.22 -34.54 28.82
N LYS A 94 20.27 -35.36 29.03
CA LYS A 94 21.30 -35.00 30.01
C LYS A 94 22.11 -33.80 29.54
N LEU A 95 22.40 -33.73 28.23
CA LEU A 95 23.20 -32.63 27.72
C LEU A 95 22.53 -31.28 27.98
N PHE A 96 21.20 -31.19 27.85
CA PHE A 96 20.50 -29.93 28.03
C PHE A 96 19.75 -29.85 29.35
N ASN A 97 19.77 -30.93 30.14
CA ASN A 97 19.18 -30.96 31.48
C ASN A 97 17.65 -30.77 31.45
N TYR A 98 16.97 -31.56 30.61
CA TYR A 98 15.52 -31.72 30.65
C TYR A 98 15.21 -33.18 30.89
N HIS A 99 14.01 -33.47 31.42
CA HIS A 99 13.65 -34.87 31.64
C HIS A 99 13.57 -35.65 30.33
N LYS A 100 12.95 -35.07 29.29
CA LYS A 100 12.57 -35.91 28.15
C LYS A 100 12.74 -35.16 26.83
N VAL A 101 12.83 -35.95 25.75
CA VAL A 101 12.89 -35.41 24.41
C VAL A 101 11.83 -36.14 23.57
N LEU A 102 11.23 -35.40 22.63
CA LEU A 102 10.34 -35.99 21.64
C LEU A 102 10.96 -35.75 20.27
N PRO A 103 11.40 -36.78 19.57
CA PRO A 103 12.11 -36.57 18.30
C PRO A 103 11.17 -36.38 17.11
N MET A 104 11.53 -35.43 16.25
CA MET A 104 10.75 -35.21 15.05
C MET A 104 11.78 -35.06 13.93
N ASN A 105 11.36 -34.68 12.72
CA ASN A 105 12.28 -34.58 11.59
C ASN A 105 12.63 -33.14 11.19
N THR A 106 11.66 -32.28 10.99
CA THR A 106 11.94 -30.94 10.51
C THR A 106 11.64 -29.91 11.60
N GLY A 107 12.12 -28.69 11.36
CA GLY A 107 11.92 -27.64 12.34
C GLY A 107 10.46 -27.33 12.55
N VAL A 108 9.68 -27.23 11.46
CA VAL A 108 8.28 -26.89 11.66
C VAL A 108 7.55 -28.01 12.41
N GLU A 109 7.95 -29.27 12.21
CA GLU A 109 7.34 -30.38 12.96
C GLU A 109 7.59 -30.22 14.47
N ALA A 110 8.78 -29.81 14.85
CA ALA A 110 9.06 -29.57 16.26
C ALA A 110 8.19 -28.44 16.80
N GLY A 111 8.01 -27.37 16.01
CA GLY A 111 7.13 -26.29 16.42
C GLY A 111 5.67 -26.72 16.57
N GLU A 112 5.17 -27.52 15.62
CA GLU A 112 3.78 -28.00 15.74
C GLU A 112 3.65 -28.84 17.00
N THR A 113 4.67 -29.67 17.25
CA THR A 113 4.69 -30.48 18.45
C THR A 113 4.60 -29.60 19.70
N ALA A 114 5.38 -28.50 19.72
CA ALA A 114 5.37 -27.63 20.88
C ALA A 114 4.00 -27.01 21.08
N CYS A 115 3.36 -26.57 19.99
CA CYS A 115 1.99 -26.06 20.10
C CYS A 115 1.05 -27.13 20.63
N LYS A 116 1.23 -28.38 20.23
CA LYS A 116 0.29 -29.39 20.70
C LYS A 116 0.53 -29.69 22.18
N LEU A 117 1.81 -29.77 22.61
CA LEU A 117 2.10 -29.91 24.05
C LEU A 117 1.51 -28.76 24.84
N ALA A 118 1.66 -27.52 24.35
CA ALA A 118 1.16 -26.37 25.10
C ALA A 118 -0.35 -26.43 25.28
N ARG A 119 -1.07 -26.70 24.18
CA ARG A 119 -2.52 -26.78 24.27
C ARG A 119 -2.95 -27.93 25.17
N LYS A 120 -2.36 -29.11 25.00
CA LYS A 120 -2.74 -30.27 25.82
C LYS A 120 -2.47 -30.00 27.30
N TRP A 121 -1.32 -29.42 27.59
CA TRP A 121 -1.01 -29.04 28.97
C TRP A 121 -2.00 -28.00 29.48
N GLY A 122 -2.33 -27.02 28.64
CA GLY A 122 -3.33 -26.04 29.03
C GLY A 122 -4.67 -26.65 29.39
N TYR A 123 -5.12 -27.66 28.61
CA TYR A 123 -6.42 -28.26 28.89
C TYR A 123 -6.35 -29.24 30.07
N THR A 124 -5.29 -30.05 30.16
CA THR A 124 -5.26 -31.15 31.11
C THR A 124 -4.53 -30.81 32.41
N VAL A 125 -3.70 -29.76 32.45
CA VAL A 125 -3.00 -29.40 33.68
C VAL A 125 -3.47 -28.02 34.14
N LYS A 126 -3.35 -26.99 33.28
CA LYS A 126 -3.73 -25.66 33.73
C LYS A 126 -5.23 -25.55 33.94
N GLY A 127 -6.03 -26.35 33.23
CA GLY A 127 -7.47 -26.32 33.42
C GLY A 127 -8.24 -25.39 32.52
N ILE A 128 -7.67 -24.96 31.39
CA ILE A 128 -8.39 -24.16 30.40
C ILE A 128 -9.50 -25.00 29.77
N GLN A 129 -10.67 -24.40 29.60
CA GLN A 129 -11.79 -25.09 28.96
C GLN A 129 -11.50 -25.36 27.48
N LYS A 130 -11.87 -26.55 27.03
CA LYS A 130 -11.60 -26.98 25.66
C LYS A 130 -12.41 -26.25 24.61
N TYR A 131 -11.75 -25.24 24.05
CA TYR A 131 -10.69 -25.21 23.05
C TYR A 131 -10.33 -23.73 23.01
N LYS A 132 -10.26 -23.17 24.22
CA LYS A 132 -10.02 -21.75 24.44
C LYS A 132 -8.55 -21.43 24.61
N ALA A 133 -7.67 -22.40 24.50
CA ALA A 133 -6.25 -22.17 24.74
C ALA A 133 -5.68 -21.22 23.70
N LYS A 134 -4.81 -20.31 24.17
CA LYS A 134 -4.06 -19.42 23.27
C LYS A 134 -2.57 -19.63 23.41
N ILE A 135 -1.89 -19.33 22.29
CA ILE A 135 -0.45 -19.26 22.25
C ILE A 135 -0.08 -17.88 21.68
N VAL A 136 0.81 -17.19 22.37
CA VAL A 136 1.23 -15.86 21.95
C VAL A 136 2.53 -16.01 21.18
N PHE A 137 2.68 -15.21 20.11
CA PHE A 137 3.90 -15.18 19.31
C PHE A 137 4.36 -13.72 19.16
N ALA A 138 5.62 -13.53 18.77
CA ALA A 138 6.12 -12.19 18.50
C ALA A 138 6.10 -11.92 17.00
N ALA A 139 5.60 -10.74 16.63
CA ALA A 139 5.62 -10.27 15.25
C ALA A 139 7.03 -10.40 14.69
N GLY A 140 7.11 -10.78 13.43
CA GLY A 140 8.38 -11.10 12.80
C GLY A 140 8.83 -12.54 12.99
N ASN A 141 8.10 -13.35 13.76
CA ASN A 141 8.50 -14.73 13.97
C ASN A 141 8.49 -15.49 12.65
N PHE A 142 9.35 -16.49 12.56
CA PHE A 142 9.27 -17.49 11.49
C PHE A 142 9.60 -18.83 12.10
N TRP A 143 8.64 -19.76 12.05
CA TRP A 143 8.96 -21.11 12.50
C TRP A 143 8.51 -22.18 11.49
N GLY A 144 8.33 -21.82 10.22
CA GLY A 144 8.09 -22.81 9.18
C GLY A 144 6.94 -22.42 8.28
N ARG A 145 6.46 -23.41 7.49
CA ARG A 145 5.57 -23.14 6.36
C ARG A 145 4.26 -23.95 6.41
N THR A 146 3.97 -24.64 7.50
CA THR A 146 2.66 -25.27 7.61
C THR A 146 1.57 -24.20 7.71
N LEU A 147 0.31 -24.63 7.52
CA LEU A 147 -0.80 -23.69 7.72
C LEU A 147 -0.76 -23.08 9.10
N SER A 148 -0.35 -23.84 10.12
CA SER A 148 -0.29 -23.29 11.47
C SER A 148 0.83 -22.25 11.58
N ALA A 149 2.01 -22.59 11.06
CA ALA A 149 3.13 -21.67 11.22
C ALA A 149 2.88 -20.34 10.51
N ILE A 150 2.31 -20.35 9.29
CA ILE A 150 2.06 -19.08 8.60
C ILE A 150 0.92 -18.30 9.25
N SER A 151 0.06 -18.97 10.02
CA SER A 151 -1.02 -18.26 10.71
C SER A 151 -0.50 -17.34 11.82
N SER A 152 0.67 -17.64 12.39
CA SER A 152 1.25 -16.74 13.40
C SER A 152 2.21 -15.73 12.80
N SER A 153 2.52 -15.86 11.52
CA SER A 153 3.45 -14.95 10.84
C SER A 153 2.81 -13.59 10.61
N THR A 154 3.65 -12.53 10.67
CA THR A 154 3.21 -11.20 10.22
C THR A 154 3.79 -10.84 8.87
N ASP A 155 4.40 -11.79 8.18
CA ASP A 155 5.01 -11.57 6.88
C ASP A 155 4.01 -11.91 5.78
N PRO A 156 3.49 -10.94 5.00
CA PRO A 156 2.48 -11.27 3.99
C PRO A 156 2.93 -12.31 2.98
N THR A 157 4.22 -12.40 2.67
CA THR A 157 4.64 -13.43 1.71
C THR A 157 4.49 -14.83 2.26
N SER A 158 4.47 -14.98 3.60
CA SER A 158 4.23 -16.31 4.16
C SER A 158 2.77 -16.70 4.10
N TYR A 159 1.86 -15.77 4.40
CA TYR A 159 0.47 -16.18 4.62
C TYR A 159 -0.50 -15.77 3.54
N ASP A 160 -0.16 -14.82 2.68
CA ASP A 160 -1.14 -14.24 1.76
C ASP A 160 -1.56 -15.29 0.71
N GLY A 161 -2.88 -15.45 0.52
CA GLY A 161 -3.37 -16.47 -0.40
C GLY A 161 -3.48 -17.89 0.17
N PHE A 162 -3.15 -18.12 1.44
CA PHE A 162 -3.08 -19.48 1.99
C PHE A 162 -4.08 -19.76 3.11
N GLY A 163 -4.97 -18.81 3.40
CA GLY A 163 -5.94 -19.00 4.47
C GLY A 163 -7.17 -19.78 4.00
N PRO A 164 -8.14 -19.98 4.93
CA PRO A 164 -8.25 -19.38 6.28
C PRO A 164 -7.25 -19.89 7.30
N PHE A 165 -7.10 -19.17 8.42
CA PHE A 165 -5.96 -19.39 9.29
C PHE A 165 -6.36 -20.03 10.61
N MET A 166 -5.36 -20.61 11.28
CA MET A 166 -5.54 -21.29 12.56
C MET A 166 -5.95 -20.27 13.63
N PRO A 167 -7.05 -20.50 14.32
CA PRO A 167 -7.42 -19.60 15.41
C PRO A 167 -6.58 -19.90 16.65
N GLY A 168 -6.64 -18.97 17.60
CA GLY A 168 -6.03 -19.19 18.90
C GLY A 168 -4.61 -18.71 19.04
N PHE A 169 -4.09 -17.97 18.06
CA PHE A 169 -2.74 -17.41 18.10
C PHE A 169 -2.87 -15.90 18.29
N ASP A 170 -2.15 -15.36 19.27
CA ASP A 170 -2.06 -13.91 19.50
C ASP A 170 -0.68 -13.44 19.11
N ILE A 171 -0.57 -12.22 18.58
CA ILE A 171 0.72 -11.70 18.13
C ILE A 171 0.99 -10.39 18.83
N ILE A 172 2.19 -10.25 19.39
CA ILE A 172 2.61 -9.01 20.06
C ILE A 172 3.94 -8.57 19.45
N PRO A 173 4.33 -7.31 19.65
CA PRO A 173 5.66 -6.90 19.21
C PRO A 173 6.74 -7.74 19.89
N TYR A 174 7.82 -7.98 19.15
CA TYR A 174 9.01 -8.59 19.69
C TYR A 174 9.76 -7.60 20.57
N ASN A 175 10.54 -8.12 21.53
CA ASN A 175 11.42 -7.25 22.34
C ASN A 175 10.58 -6.23 23.10
N ASP A 176 9.43 -6.64 23.63
CA ASP A 176 8.47 -5.72 24.25
C ASP A 176 7.86 -6.42 25.47
N LEU A 177 8.43 -6.17 26.66
CA LEU A 177 7.93 -6.85 27.85
C LEU A 177 6.59 -6.30 28.31
N PRO A 178 6.35 -4.97 28.26
CA PRO A 178 5.00 -4.47 28.59
C PRO A 178 3.88 -5.07 27.72
N ALA A 179 4.14 -5.35 26.43
CA ALA A 179 3.14 -5.99 25.58
C ALA A 179 2.88 -7.44 26.03
N LEU A 180 3.93 -8.16 26.40
CA LEU A 180 3.77 -9.52 26.90
C LEU A 180 2.99 -9.53 28.19
N GLU A 181 3.31 -8.62 29.11
CA GLU A 181 2.53 -8.51 30.35
C GLU A 181 1.06 -8.23 30.04
N ARG A 182 0.80 -7.40 29.04
CA ARG A 182 -0.60 -7.14 28.71
C ARG A 182 -1.28 -8.39 28.12
N ALA A 183 -0.55 -9.13 27.29
CA ALA A 183 -1.11 -10.31 26.63
C ALA A 183 -1.38 -11.44 27.62
N LEU A 184 -0.52 -11.60 28.63
CA LEU A 184 -0.67 -12.71 29.58
C LEU A 184 -1.73 -12.46 30.65
N GLN A 185 -2.46 -11.35 30.60
CA GLN A 185 -3.62 -11.16 31.48
C GLN A 185 -4.74 -12.18 31.19
N ASP A 186 -4.76 -12.76 30.00
CA ASP A 186 -5.77 -13.72 29.62
C ASP A 186 -5.41 -15.07 30.21
N PRO A 187 -6.18 -15.59 31.16
CA PRO A 187 -5.82 -16.87 31.79
C PRO A 187 -5.90 -18.04 30.84
N ASN A 188 -6.49 -17.85 29.65
CA ASN A 188 -6.57 -18.90 28.63
C ASN A 188 -5.30 -19.00 27.80
N VAL A 189 -4.33 -18.09 27.99
CA VAL A 189 -3.03 -18.26 27.34
C VAL A 189 -2.32 -19.43 27.98
N ALA A 190 -1.85 -20.38 27.16
CA ALA A 190 -1.10 -21.54 27.58
C ALA A 190 0.39 -21.39 27.37
N ALA A 191 0.83 -20.58 26.40
CA ALA A 191 2.26 -20.49 26.14
C ALA A 191 2.58 -19.21 25.37
N PHE A 192 3.85 -18.83 25.45
CA PHE A 192 4.46 -17.79 24.64
C PHE A 192 5.63 -18.43 23.92
N MET A 193 5.65 -18.36 22.58
CA MET A 193 6.71 -19.00 21.82
C MET A 193 7.50 -17.89 21.11
N VAL A 194 8.82 -17.96 21.18
CA VAL A 194 9.65 -16.82 20.75
C VAL A 194 11.06 -17.33 20.50
N GLU A 195 11.72 -16.72 19.53
CA GLU A 195 13.11 -16.97 19.16
C GLU A 195 14.01 -16.05 19.98
N PRO A 196 15.07 -16.56 20.57
CA PRO A 196 15.97 -15.69 21.35
C PRO A 196 16.62 -14.60 20.50
N ILE A 197 16.77 -14.84 19.21
CA ILE A 197 17.17 -13.87 18.21
C ILE A 197 16.33 -14.20 16.99
N GLN A 198 15.64 -13.21 16.41
CA GLN A 198 14.79 -13.47 15.24
C GLN A 198 15.67 -13.55 14.01
N GLY A 199 15.84 -14.76 13.49
CA GLY A 199 16.70 -14.96 12.34
C GLY A 199 16.14 -14.39 11.05
N GLU A 200 14.97 -14.89 10.63
CA GLU A 200 14.44 -14.56 9.30
C GLU A 200 14.03 -13.11 9.22
N ALA A 201 13.69 -12.51 10.37
CA ALA A 201 13.33 -11.10 10.38
C ALA A 201 14.54 -10.20 10.13
N GLY A 202 15.74 -10.75 10.07
CA GLY A 202 16.93 -9.99 9.77
C GLY A 202 17.93 -9.94 10.90
N VAL A 203 18.10 -11.06 11.62
CA VAL A 203 18.96 -11.17 12.79
C VAL A 203 18.64 -10.05 13.76
N VAL A 204 17.43 -10.06 14.33
CA VAL A 204 16.99 -9.02 15.26
C VAL A 204 17.25 -9.48 16.69
N VAL A 205 18.18 -8.80 17.37
CA VAL A 205 18.63 -9.19 18.70
C VAL A 205 17.87 -8.35 19.72
N PRO A 206 17.18 -8.96 20.68
CA PRO A 206 16.43 -8.18 21.67
C PRO A 206 17.37 -7.55 22.69
N ASP A 207 16.86 -6.53 23.38
CA ASP A 207 17.65 -5.83 24.40
C ASP A 207 18.06 -6.77 25.54
N PRO A 208 19.21 -6.50 26.17
CA PRO A 208 19.60 -7.28 27.34
C PRO A 208 18.52 -7.24 28.42
N GLY A 209 18.25 -8.40 29.02
CA GLY A 209 17.19 -8.52 29.99
C GLY A 209 15.84 -8.98 29.43
N TYR A 210 15.65 -8.91 28.11
CA TYR A 210 14.38 -9.32 27.51
C TYR A 210 14.04 -10.76 27.87
N LEU A 211 14.98 -11.68 27.66
CA LEU A 211 14.73 -13.10 27.94
C LEU A 211 14.50 -13.36 29.42
N MET A 212 15.25 -12.67 30.30
CA MET A 212 14.96 -12.77 31.74
C MET A 212 13.57 -12.26 32.07
N GLY A 213 13.14 -11.17 31.45
CA GLY A 213 11.79 -10.67 31.73
C GLY A 213 10.70 -11.61 31.20
N VAL A 214 10.94 -12.20 30.02
CA VAL A 214 10.01 -13.20 29.48
C VAL A 214 9.84 -14.35 30.48
N ARG A 215 10.95 -14.91 30.96
CA ARG A 215 10.89 -16.04 31.88
C ARG A 215 10.15 -15.67 33.15
N GLU A 216 10.38 -14.47 33.67
CA GLU A 216 9.70 -14.05 34.87
C GLU A 216 8.20 -13.95 34.62
N LEU A 217 7.79 -13.30 33.52
CA LEU A 217 6.37 -13.11 33.26
C LEU A 217 5.67 -14.45 33.03
N CYS A 218 6.35 -15.38 32.36
CA CYS A 218 5.70 -16.66 32.07
C CYS A 218 5.50 -17.44 33.37
N THR A 219 6.50 -17.42 34.25
CA THR A 219 6.38 -18.08 35.55
C THR A 219 5.27 -17.46 36.37
N ARG A 220 5.24 -16.12 36.45
CA ARG A 220 4.26 -15.42 37.26
C ARG A 220 2.82 -15.72 36.80
N HIS A 221 2.59 -15.88 35.49
CA HIS A 221 1.25 -16.10 34.97
C HIS A 221 0.93 -17.55 34.66
N GLN A 222 1.82 -18.48 35.03
CA GLN A 222 1.58 -19.91 34.76
C GLN A 222 1.38 -20.15 33.26
N VAL A 223 2.35 -19.69 32.48
CA VAL A 223 2.34 -19.79 31.03
C VAL A 223 3.64 -20.45 30.62
N LEU A 224 3.58 -21.34 29.61
CA LEU A 224 4.79 -22.03 29.21
C LEU A 224 5.66 -21.12 28.36
N PHE A 225 6.95 -21.08 28.64
CA PHE A 225 7.90 -20.34 27.82
C PHE A 225 8.55 -21.32 26.85
N ILE A 226 8.18 -21.23 25.57
CA ILE A 226 8.74 -22.06 24.52
C ILE A 226 9.81 -21.26 23.79
N ALA A 227 11.06 -21.73 23.82
CA ALA A 227 12.14 -21.03 23.14
C ALA A 227 12.46 -21.77 21.86
N ASP A 228 12.31 -21.09 20.72
CA ASP A 228 12.66 -21.72 19.45
C ASP A 228 14.13 -21.48 19.16
N GLU A 229 14.97 -22.49 19.40
CA GLU A 229 16.42 -22.45 19.20
C GLU A 229 16.83 -23.19 17.93
N ILE A 230 15.90 -23.39 16.99
CA ILE A 230 16.19 -24.23 15.83
C ILE A 230 17.30 -23.59 15.00
N GLN A 231 17.37 -22.27 14.98
CA GLN A 231 18.52 -21.62 14.43
C GLN A 231 19.42 -20.89 15.41
N THR A 232 18.96 -20.50 16.59
CA THR A 232 19.92 -19.86 17.48
C THR A 232 20.72 -20.85 18.33
N GLY A 233 20.34 -22.14 18.36
CA GLY A 233 20.97 -23.07 19.28
C GLY A 233 22.24 -23.67 18.74
N LEU A 234 22.80 -24.61 19.53
CA LEU A 234 23.88 -25.50 19.08
C LEU A 234 25.09 -24.72 18.58
N ALA A 235 25.53 -23.75 19.38
CA ALA A 235 26.80 -23.02 19.31
C ALA A 235 26.79 -21.88 18.31
N ARG A 236 25.75 -21.73 17.47
CA ARG A 236 25.72 -20.69 16.45
C ARG A 236 25.91 -19.29 17.05
N THR A 237 25.32 -19.01 18.22
CA THR A 237 25.44 -17.68 18.81
C THR A 237 26.54 -17.59 19.87
N GLY A 238 27.35 -18.64 20.03
CA GLY A 238 28.39 -18.62 21.02
C GLY A 238 28.06 -19.33 22.32
N ARG A 239 26.89 -19.97 22.41
CA ARG A 239 26.50 -20.78 23.56
C ARG A 239 25.78 -22.02 23.04
N TRP A 240 25.56 -22.99 23.94
CA TRP A 240 24.73 -24.14 23.60
C TRP A 240 23.32 -23.70 23.22
N LEU A 241 22.75 -22.76 23.97
CA LEU A 241 21.48 -22.13 23.67
C LEU A 241 21.67 -20.63 23.79
N ALA A 242 21.08 -19.87 22.86
CA ALA A 242 21.14 -18.42 22.95
C ALA A 242 20.59 -17.91 24.28
N VAL A 243 19.59 -18.60 24.85
CA VAL A 243 19.07 -18.23 26.17
C VAL A 243 20.12 -18.43 27.27
N ASP A 244 21.19 -19.18 27.02
CA ASP A 244 22.20 -19.34 28.07
C ASP A 244 22.87 -18.01 28.41
N TYR A 245 22.90 -17.05 27.48
CA TYR A 245 23.49 -15.74 27.76
C TYR A 245 22.83 -15.08 28.94
N GLU A 246 21.56 -15.37 29.23
CA GLU A 246 20.97 -14.73 30.41
C GLU A 246 20.58 -15.74 31.48
N ASN A 247 21.14 -16.95 31.42
CA ASN A 247 20.91 -18.01 32.40
C ASN A 247 19.42 -18.27 32.59
N VAL A 248 18.69 -18.37 31.48
CA VAL A 248 17.24 -18.53 31.48
C VAL A 248 16.90 -19.95 31.06
N ARG A 249 16.00 -20.61 31.80
CA ARG A 249 15.59 -21.98 31.46
C ARG A 249 14.16 -21.98 30.94
N PRO A 250 13.96 -22.12 29.64
CA PRO A 250 12.61 -22.19 29.08
C PRO A 250 11.90 -23.48 29.51
N ASP A 251 10.57 -23.46 29.42
CA ASP A 251 9.81 -24.69 29.70
C ASP A 251 9.92 -25.70 28.56
N ILE A 252 9.96 -25.25 27.30
CA ILE A 252 10.13 -26.12 26.14
C ILE A 252 11.25 -25.56 25.28
N VAL A 253 12.17 -26.40 24.83
CA VAL A 253 13.22 -25.97 23.91
C VAL A 253 13.07 -26.71 22.60
N LEU A 254 13.15 -25.99 21.49
CA LEU A 254 13.09 -26.58 20.16
C LEU A 254 14.49 -26.56 19.54
N LEU A 255 14.92 -27.72 19.03
CA LEU A 255 16.18 -27.83 18.32
C LEU A 255 15.95 -28.45 16.94
N GLY A 256 16.84 -28.13 16.01
CA GLY A 256 16.79 -28.66 14.65
C GLY A 256 18.04 -28.32 13.87
N LYS A 257 17.92 -28.19 12.54
CA LYS A 257 19.02 -27.80 11.65
C LYS A 257 20.34 -28.45 12.02
N ALA A 258 21.17 -27.74 12.80
CA ALA A 258 22.52 -28.22 13.13
C ALA A 258 22.52 -29.49 13.95
N LEU A 259 21.36 -29.93 14.43
CA LEU A 259 21.31 -31.13 15.24
C LEU A 259 21.83 -32.34 14.46
N SER A 260 21.93 -32.25 13.15
CA SER A 260 22.39 -33.36 12.34
C SER A 260 23.65 -33.07 11.56
N GLY A 261 24.15 -31.83 11.60
CA GLY A 261 25.24 -31.43 10.74
C GLY A 261 24.87 -31.25 9.29
N GLY A 262 23.58 -31.23 8.96
CA GLY A 262 23.15 -31.14 7.58
C GLY A 262 23.10 -32.46 6.81
N LEU A 263 23.32 -33.59 7.49
CA LEU A 263 23.25 -34.91 6.88
C LEU A 263 21.89 -35.59 6.97
N TYR A 264 20.93 -35.04 7.72
CA TYR A 264 19.66 -35.75 7.96
C TYR A 264 18.67 -34.78 8.61
N PRO A 265 17.38 -34.76 8.25
CA PRO A 265 16.47 -33.87 8.96
C PRO A 265 16.12 -34.45 10.32
N VAL A 266 16.70 -33.86 11.37
CA VAL A 266 16.46 -34.25 12.75
C VAL A 266 16.08 -33.01 13.52
N SER A 267 15.02 -33.10 14.33
CA SER A 267 14.64 -32.01 15.22
C SER A 267 14.17 -32.61 16.53
N ALA A 268 14.03 -31.75 17.54
CA ALA A 268 13.80 -32.23 18.89
C ALA A 268 13.00 -31.22 19.69
N VAL A 269 12.14 -31.75 20.56
CA VAL A 269 11.40 -30.97 21.55
C VAL A 269 11.80 -31.46 22.93
N LEU A 270 12.41 -30.58 23.72
CA LEU A 270 12.87 -30.88 25.08
C LEU A 270 11.97 -30.22 26.12
N CYS A 271 11.52 -30.99 27.12
CA CYS A 271 10.82 -30.43 28.28
C CYS A 271 10.73 -31.46 29.40
N ASP A 272 10.25 -31.01 30.55
CA ASP A 272 10.13 -31.87 31.71
C ASP A 272 8.85 -32.71 31.67
N ASP A 273 8.77 -33.65 32.62
CA ASP A 273 7.72 -34.67 32.62
C ASP A 273 6.34 -34.04 32.77
N ASP A 274 6.22 -33.02 33.61
CA ASP A 274 4.90 -32.44 33.87
C ASP A 274 4.31 -31.81 32.62
N ILE A 275 5.12 -31.53 31.61
CA ILE A 275 4.59 -31.11 30.32
C ILE A 275 4.59 -32.25 29.35
N MET A 276 5.72 -32.95 29.24
CA MET A 276 5.86 -33.93 28.18
C MET A 276 4.82 -35.04 28.29
N LEU A 277 4.49 -35.46 29.52
CA LEU A 277 3.63 -36.63 29.62
C LEU A 277 2.15 -36.28 29.48
N THR A 278 1.81 -35.04 29.12
CA THR A 278 0.41 -34.76 28.79
C THR A 278 -0.02 -35.47 27.49
N ILE A 279 0.90 -35.88 26.62
CA ILE A 279 0.58 -36.58 25.38
C ILE A 279 0.70 -38.06 25.63
N LYS A 280 -0.32 -38.74 25.41
CA LYS A 280 -0.41 -40.24 25.64
C LYS A 280 -0.12 -41.08 24.45
N PRO A 281 0.12 -42.39 24.58
CA PRO A 281 0.47 -43.17 23.39
C PRO A 281 -0.63 -43.14 22.32
N GLY A 282 -0.22 -43.06 21.06
CA GLY A 282 -1.10 -42.93 19.91
C GLY A 282 -1.54 -41.51 19.59
N GLU A 283 -1.19 -40.52 20.39
CA GLU A 283 -1.71 -39.17 20.24
C GLU A 283 -0.77 -38.21 19.48
N HIS A 284 0.40 -38.67 19.07
CA HIS A 284 1.31 -37.83 18.30
C HIS A 284 2.45 -38.70 17.81
N GLY A 285 2.99 -38.35 16.65
CA GLY A 285 4.11 -39.10 16.12
C GLY A 285 4.47 -38.65 14.72
N SER A 286 5.21 -39.51 14.03
CA SER A 286 5.82 -39.20 12.75
C SER A 286 6.45 -40.47 12.23
N THR A 287 6.33 -40.72 10.93
CA THR A 287 6.87 -41.97 10.39
C THR A 287 8.38 -42.06 10.63
N TYR A 288 9.11 -40.99 10.32
CA TYR A 288 10.56 -41.03 10.41
C TYR A 288 11.13 -40.49 11.71
N GLY A 289 10.31 -39.86 12.56
CA GLY A 289 10.84 -39.30 13.80
C GLY A 289 11.45 -40.36 14.70
N GLY A 290 12.69 -40.13 15.15
CA GLY A 290 13.34 -41.06 16.04
C GLY A 290 13.95 -42.29 15.39
N ASN A 291 14.13 -42.27 14.06
CA ASN A 291 14.69 -43.43 13.38
C ASN A 291 16.17 -43.61 13.73
N PRO A 292 16.70 -44.85 13.59
CA PRO A 292 18.06 -45.11 14.10
C PRO A 292 19.12 -44.38 13.33
N LEU A 293 18.93 -44.17 12.04
CA LEU A 293 19.96 -43.53 11.25
C LEU A 293 20.14 -42.07 11.67
N GLY A 294 19.04 -41.33 11.80
CA GLY A 294 19.12 -39.94 12.23
C GLY A 294 19.64 -39.78 13.64
N CYS A 295 19.31 -40.73 14.53
CA CYS A 295 19.79 -40.66 15.90
C CYS A 295 21.31 -40.82 15.96
N ARG A 296 21.87 -41.81 15.26
CA ARG A 296 23.32 -41.94 15.22
C ARG A 296 23.97 -40.67 14.69
N VAL A 297 23.36 -40.05 13.67
CA VAL A 297 23.91 -38.83 13.10
C VAL A 297 23.84 -37.70 14.11
N ALA A 298 22.70 -37.58 14.81
CA ALA A 298 22.53 -36.54 15.80
C ALA A 298 23.53 -36.67 16.95
N ILE A 299 23.74 -37.90 17.45
CA ILE A 299 24.70 -38.11 18.54
C ILE A 299 26.08 -37.61 18.12
N ALA A 300 26.51 -37.95 16.89
CA ALA A 300 27.82 -37.53 16.44
C ALA A 300 27.88 -36.02 16.26
N ALA A 301 26.84 -35.43 15.67
CA ALA A 301 26.83 -33.99 15.44
C ALA A 301 26.82 -33.19 16.75
N LEU A 302 26.18 -33.72 17.80
CA LEU A 302 26.33 -33.08 19.11
C LEU A 302 27.75 -33.23 19.64
N GLU A 303 28.35 -34.43 19.50
CA GLU A 303 29.72 -34.63 20.00
C GLU A 303 30.70 -33.70 19.30
N VAL A 304 30.51 -33.46 18.00
CA VAL A 304 31.42 -32.58 17.27
C VAL A 304 31.36 -31.15 17.83
N LEU A 305 30.15 -30.68 18.15
CA LEU A 305 30.00 -29.37 18.77
C LEU A 305 30.74 -29.30 20.09
N GLU A 306 30.62 -30.34 20.92
CA GLU A 306 31.23 -30.31 22.25
C GLU A 306 32.75 -30.49 22.17
N GLU A 307 33.20 -31.51 21.43
CA GLU A 307 34.62 -31.84 21.42
C GLU A 307 35.47 -30.77 20.75
N GLU A 308 34.96 -30.07 19.74
CA GLU A 308 35.74 -29.05 19.06
C GLU A 308 35.45 -27.65 19.59
N ASN A 309 34.70 -27.53 20.68
CA ASN A 309 34.51 -26.27 21.40
C ASN A 309 34.05 -25.14 20.48
N LEU A 310 33.05 -25.44 19.63
CA LEU A 310 32.67 -24.49 18.58
C LEU A 310 31.93 -23.28 19.15
N ALA A 311 31.27 -23.42 20.31
CA ALA A 311 30.53 -22.30 20.90
C ALA A 311 31.49 -21.16 21.32
N GLU A 312 32.36 -21.38 22.33
CA GLU A 312 33.51 -20.48 22.38
C GLU A 312 34.27 -20.17 21.05
N ASN A 313 34.43 -21.05 20.09
CA ASN A 313 35.03 -20.50 18.86
C ASN A 313 34.11 -19.49 18.19
N ALA A 314 32.80 -19.75 18.19
CA ALA A 314 31.85 -18.85 17.54
C ALA A 314 31.78 -17.51 18.27
N ASP A 315 31.84 -17.57 19.60
CA ASP A 315 31.88 -16.35 20.39
C ASP A 315 33.08 -15.48 20.00
N LYS A 316 34.28 -16.05 20.01
CA LYS A 316 35.45 -15.18 19.89
C LYS A 316 35.58 -14.66 18.45
N LEU A 317 35.19 -15.46 17.46
CA LEU A 317 35.28 -15.01 16.06
C LEU A 317 34.15 -14.08 15.67
N GLY A 318 33.00 -14.17 16.33
CA GLY A 318 31.92 -13.25 15.99
C GLY A 318 32.25 -11.82 16.38
N ILE A 319 32.92 -11.65 17.53
CA ILE A 319 33.41 -10.33 17.90
C ILE A 319 34.32 -9.78 16.79
N ILE A 320 35.29 -10.58 16.36
CA ILE A 320 36.17 -10.16 15.28
C ILE A 320 35.35 -9.78 14.04
N LEU A 321 34.40 -10.64 13.66
CA LEU A 321 33.63 -10.39 12.46
C LEU A 321 32.85 -9.07 12.55
N ARG A 322 32.19 -8.84 13.68
CA ARG A 322 31.38 -7.62 13.79
C ARG A 322 32.26 -6.38 13.88
N ASN A 323 33.41 -6.48 14.57
CA ASN A 323 34.35 -5.38 14.64
C ASN A 323 34.79 -4.94 13.24
N GLU A 324 35.21 -5.89 12.40
CA GLU A 324 35.64 -5.52 11.05
C GLU A 324 34.49 -4.97 10.23
N LEU A 325 33.29 -5.55 10.36
CA LEU A 325 32.18 -5.11 9.53
C LEU A 325 31.79 -3.66 9.82
N MET A 326 31.89 -3.23 11.07
CA MET A 326 31.59 -1.82 11.32
C MET A 326 32.67 -0.87 10.79
N LYS A 327 33.86 -1.38 10.45
CA LYS A 327 34.83 -0.53 9.76
C LYS A 327 34.35 -0.11 8.38
N LEU A 328 33.39 -0.83 7.79
CA LEU A 328 32.76 -0.35 6.56
C LEU A 328 32.14 1.02 6.78
N PRO A 329 32.04 1.84 5.73
CA PRO A 329 31.56 3.22 5.93
C PRO A 329 30.07 3.27 6.21
N SER A 330 29.69 4.09 7.20
CA SER A 330 28.28 4.27 7.54
C SER A 330 27.48 4.83 6.38
N ASP A 331 28.15 5.32 5.34
CA ASP A 331 27.48 5.80 4.14
C ASP A 331 26.72 4.68 3.44
N VAL A 332 27.07 3.44 3.72
CA VAL A 332 26.78 2.35 2.81
C VAL A 332 26.24 1.15 3.60
N VAL A 333 26.72 0.99 4.82
CA VAL A 333 26.27 -0.05 5.75
C VAL A 333 25.66 0.68 6.93
N THR A 334 24.32 0.63 7.05
CA THR A 334 23.61 1.39 8.06
C THR A 334 23.59 0.72 9.44
N ALA A 335 23.89 -0.58 9.53
CA ALA A 335 23.84 -1.27 10.82
C ALA A 335 24.56 -2.60 10.71
N VAL A 336 25.17 -3.03 11.81
CA VAL A 336 25.75 -4.36 11.96
C VAL A 336 25.10 -5.00 13.18
N ARG A 337 24.60 -6.22 13.02
CA ARG A 337 23.85 -6.91 14.07
C ARG A 337 24.32 -8.35 14.20
N GLY A 338 24.28 -8.89 15.41
CA GLY A 338 24.49 -10.32 15.55
C GLY A 338 25.00 -10.71 16.92
N LYS A 339 25.15 -12.02 17.08
CA LYS A 339 25.70 -12.65 18.28
C LYS A 339 26.43 -13.91 17.84
N GLY A 340 27.60 -14.16 18.42
CA GLY A 340 28.41 -15.27 17.94
C GLY A 340 28.58 -15.16 16.45
N LEU A 341 28.36 -16.26 15.72
CA LEU A 341 28.57 -16.30 14.28
C LEU A 341 27.25 -16.25 13.50
N LEU A 342 26.24 -15.62 14.08
CA LEU A 342 24.99 -15.30 13.39
C LEU A 342 24.90 -13.79 13.29
N ASN A 343 25.13 -13.24 12.09
CA ASN A 343 25.33 -11.81 11.95
C ASN A 343 24.61 -11.29 10.72
N ALA A 344 24.35 -9.99 10.71
CA ALA A 344 23.80 -9.37 9.50
C ALA A 344 24.30 -7.94 9.36
N ILE A 345 24.31 -7.45 8.12
CA ILE A 345 24.54 -6.04 7.85
C ILE A 345 23.33 -5.54 7.10
N VAL A 346 22.98 -4.28 7.34
CA VAL A 346 21.91 -3.61 6.64
C VAL A 346 22.52 -2.68 5.60
N ILE A 347 22.03 -2.77 4.37
CA ILE A 347 22.53 -2.01 3.23
C ILE A 347 21.66 -0.78 3.04
N LYS A 348 22.30 0.38 2.90
CA LYS A 348 21.56 1.58 2.54
C LYS A 348 21.03 1.42 1.12
N GLU A 349 19.85 0.84 0.98
CA GLU A 349 19.34 0.48 -0.34
C GLU A 349 18.96 1.71 -1.14
N THR A 350 19.90 2.28 -1.88
CA THR A 350 19.56 3.20 -2.93
C THR A 350 19.01 2.42 -4.12
N LYS A 351 18.77 3.12 -5.23
CA LYS A 351 18.46 2.41 -6.47
C LYS A 351 19.69 2.12 -7.34
N ASP A 352 20.85 2.75 -7.09
CA ASP A 352 22.13 2.19 -7.52
C ASP A 352 22.34 0.71 -7.20
N TRP A 353 21.84 0.21 -6.07
CA TRP A 353 22.39 -1.11 -5.74
C TRP A 353 21.51 -1.68 -4.64
N ASP A 354 21.62 -2.99 -4.43
CA ASP A 354 20.78 -3.63 -3.43
C ASP A 354 21.46 -4.89 -2.92
N ALA A 355 20.84 -5.51 -1.91
CA ALA A 355 21.46 -6.67 -1.29
C ALA A 355 21.60 -7.82 -2.28
N TRP A 356 20.72 -7.90 -3.28
CA TRP A 356 20.85 -8.93 -4.31
C TRP A 356 22.10 -8.71 -5.15
N LYS A 357 22.30 -7.49 -5.65
CA LYS A 357 23.51 -7.20 -6.42
C LYS A 357 24.77 -7.36 -5.61
N VAL A 358 24.73 -7.04 -4.31
CA VAL A 358 25.90 -7.28 -3.49
C VAL A 358 26.22 -8.76 -3.47
N CYS A 359 25.20 -9.60 -3.25
CA CYS A 359 25.44 -11.02 -3.15
C CYS A 359 25.86 -11.62 -4.49
N LEU A 360 25.39 -11.05 -5.60
CA LEU A 360 25.91 -11.46 -6.89
C LEU A 360 27.41 -11.18 -6.99
N ARG A 361 27.84 -9.99 -6.54
CA ARG A 361 29.25 -9.66 -6.63
C ARG A 361 30.07 -10.42 -5.59
N LEU A 362 29.50 -10.65 -4.40
CA LEU A 362 30.17 -11.53 -3.44
C LEU A 362 30.42 -12.91 -4.04
N ARG A 363 29.42 -13.46 -4.72
CA ARG A 363 29.62 -14.73 -5.40
C ARG A 363 30.76 -14.64 -6.41
N ASP A 364 30.80 -13.55 -7.18
CA ASP A 364 31.86 -13.36 -8.17
C ASP A 364 33.24 -13.38 -7.50
N ASN A 365 33.34 -12.90 -6.26
CA ASN A 365 34.62 -12.81 -5.57
C ASN A 365 34.86 -13.98 -4.64
N GLY A 366 34.03 -15.03 -4.74
CA GLY A 366 34.27 -16.27 -4.03
C GLY A 366 33.62 -16.42 -2.67
N LEU A 367 32.57 -15.66 -2.37
CA LEU A 367 31.89 -15.79 -1.07
C LEU A 367 30.37 -15.90 -1.26
N LEU A 368 29.75 -16.90 -0.62
CA LEU A 368 28.31 -17.16 -0.79
C LEU A 368 27.54 -16.68 0.44
N ALA A 369 26.68 -15.70 0.22
CA ALA A 369 25.73 -15.24 1.19
C ALA A 369 24.47 -14.84 0.44
N LYS A 370 23.41 -14.47 1.19
CA LYS A 370 22.22 -14.19 0.44
C LYS A 370 21.30 -13.20 1.16
N PRO A 371 20.58 -12.34 0.44
CA PRO A 371 19.79 -11.32 1.13
C PRO A 371 18.48 -11.86 1.64
N THR A 372 17.92 -11.14 2.63
CA THR A 372 16.69 -11.55 3.28
C THR A 372 15.53 -10.57 3.10
N HIS A 373 15.79 -9.26 2.93
CA HIS A 373 14.73 -8.35 2.52
C HIS A 373 15.23 -7.28 1.55
N GLY A 374 16.24 -7.60 0.74
CA GLY A 374 16.74 -6.65 -0.23
C GLY A 374 17.59 -5.53 0.34
N ASP A 375 17.57 -5.32 1.65
CA ASP A 375 18.52 -4.44 2.32
C ASP A 375 19.35 -5.13 3.39
N ILE A 376 19.11 -6.42 3.68
CA ILE A 376 19.78 -7.14 4.76
C ILE A 376 20.58 -8.29 4.15
N ILE A 377 21.84 -8.44 4.59
CA ILE A 377 22.66 -9.56 4.17
C ILE A 377 23.17 -10.28 5.39
N ARG A 378 22.92 -11.59 5.43
CA ARG A 378 23.34 -12.41 6.55
C ARG A 378 24.74 -12.95 6.31
N PHE A 379 25.54 -12.96 7.38
CA PHE A 379 26.86 -13.56 7.33
C PHE A 379 26.91 -14.57 8.46
N ALA A 380 26.97 -15.85 8.09
CA ALA A 380 26.90 -16.94 9.06
C ALA A 380 27.68 -18.12 8.53
N PRO A 381 29.00 -18.09 8.64
CA PRO A 381 29.83 -19.20 8.15
C PRO A 381 29.83 -20.37 9.13
N PRO A 382 30.24 -21.56 8.70
CA PRO A 382 30.36 -22.67 9.64
C PRO A 382 31.30 -22.34 10.78
N LEU A 383 30.99 -22.89 11.95
CA LEU A 383 31.69 -22.61 13.20
C LEU A 383 33.06 -23.29 13.28
N VAL A 384 33.45 -24.04 12.24
CA VAL A 384 34.78 -24.63 12.20
C VAL A 384 35.76 -23.73 11.47
N ILE A 385 35.32 -22.54 11.08
CA ILE A 385 36.18 -21.59 10.38
C ILE A 385 37.28 -21.14 11.33
N LYS A 386 38.43 -20.78 10.78
CA LYS A 386 39.57 -20.33 11.54
C LYS A 386 39.74 -18.83 11.35
N GLU A 387 40.41 -18.21 12.31
CA GLU A 387 40.54 -16.74 12.29
C GLU A 387 41.20 -16.26 11.01
N ASP A 388 42.22 -16.98 10.54
CA ASP A 388 42.85 -16.56 9.29
C ASP A 388 41.90 -16.72 8.11
N GLU A 389 41.17 -17.84 8.05
CA GLU A 389 40.14 -17.99 7.02
C GLU A 389 39.07 -16.90 7.15
N LEU A 390 38.64 -16.59 8.37
CA LEU A 390 37.66 -15.52 8.56
C LEU A 390 38.21 -14.19 8.06
N ARG A 391 39.48 -13.92 8.29
CA ARG A 391 40.01 -12.65 7.84
C ARG A 391 40.08 -12.58 6.32
N GLU A 392 40.39 -13.68 5.65
CA GLU A 392 40.31 -13.70 4.20
C GLU A 392 38.89 -13.36 3.71
N SER A 393 37.87 -13.94 4.36
CA SER A 393 36.49 -13.67 3.98
C SER A 393 36.14 -12.20 4.13
N ILE A 394 36.57 -11.58 5.23
CA ILE A 394 36.26 -10.18 5.45
C ILE A 394 36.85 -9.33 4.32
N GLU A 395 38.05 -9.68 3.85
CA GLU A 395 38.64 -9.06 2.67
C GLU A 395 37.72 -9.18 1.45
N ILE A 396 37.10 -10.34 1.27
CA ILE A 396 36.21 -10.48 0.12
C ILE A 396 34.98 -9.60 0.31
N ILE A 397 34.49 -9.47 1.54
CA ILE A 397 33.35 -8.60 1.80
C ILE A 397 33.74 -7.14 1.59
N ASN A 398 34.90 -6.74 2.13
CA ASN A 398 35.44 -5.40 1.91
C ASN A 398 35.60 -5.09 0.43
N LYS A 399 36.32 -5.96 -0.28
CA LYS A 399 36.52 -5.78 -1.71
C LYS A 399 35.22 -5.64 -2.47
N THR A 400 34.16 -6.32 -2.01
CA THR A 400 32.88 -6.24 -2.71
C THR A 400 32.11 -4.96 -2.37
N ILE A 401 31.95 -4.66 -1.08
CA ILE A 401 31.15 -3.50 -0.71
C ILE A 401 31.77 -2.23 -1.28
N LEU A 402 33.09 -2.12 -1.23
CA LEU A 402 33.80 -0.93 -1.71
C LEU A 402 34.02 -0.94 -3.22
N SER A 403 33.67 -2.01 -3.94
CA SER A 403 33.75 -1.97 -5.39
C SER A 403 32.55 -1.27 -6.03
N PHE A 404 31.53 -0.97 -5.24
CA PHE A 404 30.39 -0.20 -5.70
C PHE A 404 30.70 1.28 -5.55
N PRO B 3 -24.56 -5.46 -57.17
CA PRO B 3 -23.51 -4.54 -56.69
C PRO B 3 -22.61 -5.23 -55.68
N THR B 4 -21.58 -5.91 -56.19
CA THR B 4 -20.76 -6.82 -55.43
C THR B 4 -19.80 -6.06 -54.51
N SER B 5 -19.08 -6.83 -53.67
CA SER B 5 -18.07 -6.23 -52.80
C SER B 5 -16.99 -5.49 -53.59
N ASP B 6 -16.53 -6.08 -54.70
CA ASP B 6 -15.48 -5.41 -55.49
C ASP B 6 -16.01 -4.25 -56.30
N ASP B 7 -17.29 -4.27 -56.69
CA ASP B 7 -17.92 -3.05 -57.22
C ASP B 7 -17.82 -1.92 -56.20
N ILE B 8 -18.07 -2.21 -54.93
CA ILE B 8 -18.06 -1.17 -53.90
C ILE B 8 -16.65 -0.65 -53.71
N PHE B 9 -15.66 -1.54 -53.66
CA PHE B 9 -14.27 -1.11 -53.49
C PHE B 9 -13.86 -0.19 -54.62
N GLU B 10 -14.18 -0.57 -55.86
CA GLU B 10 -13.76 0.18 -57.04
C GLU B 10 -14.43 1.53 -57.11
N ARG B 11 -15.71 1.59 -56.74
CA ARG B 11 -16.42 2.85 -56.83
C ARG B 11 -15.88 3.87 -55.82
N GLU B 12 -15.60 3.42 -54.58
CA GLU B 12 -15.01 4.33 -53.59
C GLU B 12 -13.64 4.79 -54.02
N TYR B 13 -12.84 3.86 -54.57
CA TYR B 13 -11.52 4.22 -55.05
C TYR B 13 -11.58 5.32 -56.10
N LYS B 14 -12.64 5.35 -56.94
CA LYS B 14 -12.62 6.36 -57.97
C LYS B 14 -13.18 7.69 -57.52
N TYR B 15 -14.20 7.70 -56.66
CA TYR B 15 -14.85 8.95 -56.32
C TYR B 15 -14.50 9.48 -54.93
N GLY B 16 -13.89 8.68 -54.06
CA GLY B 16 -13.56 9.10 -52.72
C GLY B 16 -12.08 9.35 -52.57
N ALA B 17 -11.73 10.23 -51.63
CA ALA B 17 -10.33 10.44 -51.22
C ALA B 17 -9.73 9.14 -50.77
N HIS B 18 -8.41 9.01 -50.90
CA HIS B 18 -7.75 7.78 -50.48
C HIS B 18 -7.12 7.91 -49.09
N ASN B 19 -7.82 8.52 -48.13
CA ASN B 19 -7.24 8.72 -46.81
C ASN B 19 -7.38 7.49 -45.92
N TYR B 20 -8.05 6.42 -46.37
CA TYR B 20 -8.10 5.17 -45.64
C TYR B 20 -7.71 4.00 -46.54
N HIS B 21 -7.18 2.94 -45.94
CA HIS B 21 -7.03 1.65 -46.60
C HIS B 21 -7.80 0.64 -45.75
N PRO B 22 -9.11 0.50 -45.97
CA PRO B 22 -9.90 -0.35 -45.10
C PRO B 22 -9.65 -1.84 -45.34
N LEU B 23 -10.04 -2.63 -44.37
CA LEU B 23 -10.05 -4.07 -44.60
C LEU B 23 -11.05 -4.36 -45.71
N PRO B 24 -10.69 -5.17 -46.68
CA PRO B 24 -11.60 -5.41 -47.83
C PRO B 24 -12.85 -6.22 -47.46
N VAL B 25 -13.86 -5.55 -46.92
CA VAL B 25 -15.13 -6.19 -46.69
C VAL B 25 -16.18 -5.10 -46.77
N ALA B 26 -17.28 -5.38 -47.48
CA ALA B 26 -18.27 -4.34 -47.80
C ALA B 26 -19.53 -4.65 -47.01
N LEU B 27 -19.73 -3.92 -45.93
CA LEU B 27 -20.76 -4.26 -44.99
C LEU B 27 -22.06 -3.62 -45.45
N GLU B 28 -23.11 -4.41 -45.41
CA GLU B 28 -24.35 -3.81 -45.72
C GLU B 28 -25.19 -3.61 -44.48
N ARG B 29 -25.20 -4.51 -43.47
CA ARG B 29 -26.18 -4.45 -42.33
C ARG B 29 -25.54 -4.76 -40.99
N GLY B 30 -26.06 -4.16 -39.94
CA GLY B 30 -25.60 -4.48 -38.60
C GLY B 30 -26.68 -4.49 -37.54
N LYS B 31 -26.60 -5.45 -36.61
CA LYS B 31 -27.55 -5.53 -35.51
C LYS B 31 -26.85 -6.18 -34.33
N GLY B 32 -26.85 -5.50 -33.18
CA GLY B 32 -26.17 -6.04 -32.02
C GLY B 32 -24.68 -6.21 -32.27
N ILE B 33 -24.21 -7.44 -32.15
CA ILE B 33 -22.79 -7.75 -32.28
C ILE B 33 -22.41 -8.21 -33.67
N TYR B 34 -23.35 -8.24 -34.61
CA TYR B 34 -23.10 -8.87 -35.90
C TYR B 34 -23.13 -7.83 -37.01
N LEU B 35 -22.37 -8.11 -38.05
CA LEU B 35 -22.39 -7.34 -39.28
C LEU B 35 -22.60 -8.27 -40.47
N TRP B 36 -23.34 -7.80 -41.47
CA TRP B 36 -23.56 -8.55 -42.70
C TRP B 36 -22.99 -7.80 -43.89
N ASP B 37 -22.30 -8.50 -44.78
CA ASP B 37 -21.83 -7.82 -45.98
C ASP B 37 -22.86 -7.94 -47.11
N VAL B 38 -22.51 -7.38 -48.29
CA VAL B 38 -23.47 -7.33 -49.39
C VAL B 38 -23.76 -8.70 -49.97
N GLU B 39 -22.86 -9.67 -49.78
CA GLU B 39 -23.13 -11.03 -50.22
C GLU B 39 -23.90 -11.82 -49.17
N GLY B 40 -24.28 -11.21 -48.04
CA GLY B 40 -25.05 -11.88 -47.02
C GLY B 40 -24.25 -12.65 -46.00
N ARG B 41 -22.92 -12.60 -46.06
CA ARG B 41 -22.09 -13.23 -45.05
C ARG B 41 -22.19 -12.49 -43.71
N LYS B 42 -22.03 -13.26 -42.64
CA LYS B 42 -22.27 -12.80 -41.27
C LYS B 42 -20.96 -12.84 -40.48
N TYR B 43 -20.69 -11.76 -39.74
CA TYR B 43 -19.42 -11.60 -39.03
C TYR B 43 -19.64 -11.14 -37.61
N PHE B 44 -18.77 -11.59 -36.72
CA PHE B 44 -18.64 -10.94 -35.40
C PHE B 44 -17.94 -9.60 -35.58
N ASP B 45 -18.50 -8.54 -35.01
CA ASP B 45 -17.83 -7.24 -35.00
C ASP B 45 -16.92 -7.17 -33.77
N PHE B 46 -15.60 -7.25 -33.99
CA PHE B 46 -14.64 -7.08 -32.90
C PHE B 46 -13.89 -5.76 -32.96
N LEU B 47 -14.52 -4.72 -33.51
CA LEU B 47 -13.95 -3.37 -33.50
C LEU B 47 -14.95 -2.38 -32.92
N SER B 48 -16.26 -2.68 -33.01
CA SER B 48 -17.30 -1.82 -32.45
C SER B 48 -17.25 -0.41 -33.02
N SER B 49 -16.81 -0.27 -34.28
CA SER B 49 -16.65 1.05 -34.91
C SER B 49 -15.78 1.97 -34.05
N TYR B 50 -14.68 1.41 -33.56
CA TYR B 50 -13.74 2.13 -32.70
C TYR B 50 -14.41 2.53 -31.39
N SER B 51 -15.21 1.63 -30.84
CA SER B 51 -15.90 1.82 -29.56
C SER B 51 -16.99 2.88 -29.64
N ALA B 52 -17.59 3.08 -30.82
CA ALA B 52 -18.79 3.89 -30.90
C ALA B 52 -20.08 3.08 -30.77
N VAL B 53 -20.06 1.78 -31.07
CA VAL B 53 -21.28 0.99 -30.88
C VAL B 53 -21.06 0.02 -29.71
N ASN B 54 -20.67 0.56 -28.56
CA ASN B 54 -20.65 -0.19 -27.30
C ASN B 54 -21.98 -0.89 -27.06
N GLN B 55 -23.08 -0.21 -27.40
CA GLN B 55 -24.44 -0.72 -27.18
C GLN B 55 -24.91 -1.70 -28.26
N GLY B 56 -24.03 -2.15 -29.13
CA GLY B 56 -24.44 -2.92 -30.29
C GLY B 56 -24.93 -2.02 -31.42
N HIS B 57 -24.84 -2.57 -32.63
CA HIS B 57 -25.33 -1.87 -33.82
C HIS B 57 -26.84 -1.73 -33.76
N CYS B 58 -27.34 -0.53 -34.06
CA CYS B 58 -28.77 -0.27 -34.20
C CYS B 58 -29.57 -0.75 -32.99
N HIS B 59 -29.14 -0.37 -31.80
CA HIS B 59 -29.90 -0.74 -30.59
C HIS B 59 -31.31 -0.17 -30.67
N PRO B 60 -32.34 -1.00 -30.50
CA PRO B 60 -33.70 -0.53 -30.81
C PRO B 60 -34.17 0.61 -29.93
N LYS B 61 -33.67 0.73 -28.70
CA LYS B 61 -34.10 1.84 -27.87
C LYS B 61 -33.52 3.18 -28.36
N ILE B 62 -32.26 3.18 -28.78
CA ILE B 62 -31.64 4.38 -29.36
C ILE B 62 -32.26 4.69 -30.72
N VAL B 63 -32.49 3.66 -31.53
CA VAL B 63 -33.18 3.83 -32.80
C VAL B 63 -34.56 4.44 -32.60
N ASN B 64 -35.32 3.92 -31.63
CA ASN B 64 -36.66 4.46 -31.39
C ASN B 64 -36.63 5.91 -30.94
N ALA B 65 -35.63 6.28 -30.13
CA ALA B 65 -35.54 7.68 -29.71
C ALA B 65 -35.25 8.60 -30.90
N LEU B 66 -34.42 8.16 -31.83
CA LEU B 66 -34.17 8.97 -33.00
C LEU B 66 -35.43 9.11 -33.85
N LYS B 67 -36.13 7.99 -34.09
CA LYS B 67 -37.34 8.04 -34.89
C LYS B 67 -38.39 8.92 -34.24
N SER B 68 -38.44 8.94 -32.91
CA SER B 68 -39.38 9.83 -32.22
C SER B 68 -39.09 11.32 -32.47
N GLN B 69 -37.82 11.70 -32.42
CA GLN B 69 -37.51 13.12 -32.47
C GLN B 69 -37.45 13.64 -33.89
N VAL B 70 -37.09 12.77 -34.84
CA VAL B 70 -36.79 13.23 -36.20
C VAL B 70 -38.00 13.86 -36.88
N ASP B 71 -39.22 13.60 -36.39
CA ASP B 71 -40.45 14.14 -36.94
C ASP B 71 -40.91 15.38 -36.22
N LYS B 72 -40.29 15.72 -35.09
CA LYS B 72 -40.67 16.87 -34.29
C LYS B 72 -39.79 18.08 -34.61
N LEU B 73 -38.46 17.92 -34.51
CA LEU B 73 -37.53 19.04 -34.51
C LEU B 73 -36.10 18.52 -34.45
N THR B 74 -35.25 18.85 -35.42
CA THR B 74 -33.91 18.26 -35.40
C THR B 74 -32.80 19.27 -35.18
N LEU B 75 -33.00 20.54 -35.56
CA LEU B 75 -31.93 21.53 -35.46
C LEU B 75 -32.54 22.93 -35.40
N THR B 76 -32.38 23.61 -34.26
CA THR B 76 -32.70 25.01 -34.19
C THR B 76 -31.46 25.89 -34.30
N SER B 77 -30.26 25.31 -34.13
CA SER B 77 -29.05 25.99 -33.71
C SER B 77 -29.22 26.56 -32.30
N ARG B 78 -28.13 26.86 -31.61
CA ARG B 78 -28.20 27.41 -30.26
C ARG B 78 -28.49 28.93 -30.25
N ALA B 79 -28.86 29.51 -31.38
CA ALA B 79 -29.35 30.88 -31.37
C ALA B 79 -30.71 30.99 -30.71
N PHE B 80 -31.41 29.87 -30.53
CA PHE B 80 -32.66 29.79 -29.79
C PHE B 80 -32.56 28.60 -28.84
N TYR B 81 -33.46 28.56 -27.85
CA TYR B 81 -33.59 27.37 -27.03
C TYR B 81 -34.48 26.34 -27.73
N ASN B 82 -34.29 25.08 -27.37
CA ASN B 82 -35.29 24.04 -27.58
C ASN B 82 -35.55 23.32 -26.27
N ASN B 83 -36.53 22.42 -26.29
CA ASN B 83 -36.99 21.72 -25.11
C ASN B 83 -36.19 20.47 -24.79
N VAL B 84 -35.26 20.08 -25.66
CA VAL B 84 -34.52 18.84 -25.47
C VAL B 84 -33.15 19.10 -24.84
N LEU B 85 -32.42 20.10 -25.34
CA LEU B 85 -31.00 20.30 -25.01
C LEU B 85 -30.72 20.20 -23.53
N GLY B 86 -31.35 21.08 -22.77
CA GLY B 86 -31.17 21.05 -21.33
C GLY B 86 -31.51 19.72 -20.72
N GLU B 87 -32.39 18.93 -21.36
CA GLU B 87 -32.90 17.75 -20.69
C GLU B 87 -31.74 16.79 -20.53
N TYR B 88 -30.99 16.67 -21.61
CA TYR B 88 -29.78 15.90 -21.64
C TYR B 88 -28.72 16.52 -20.74
N GLU B 89 -28.64 17.86 -20.71
CA GLU B 89 -27.61 18.52 -19.92
C GLU B 89 -27.76 18.17 -18.45
N GLU B 90 -28.98 18.29 -17.92
CA GLU B 90 -29.24 17.88 -16.54
C GLU B 90 -28.90 16.42 -16.35
N TYR B 91 -29.30 15.57 -17.30
CA TYR B 91 -29.04 14.15 -17.14
C TYR B 91 -27.54 13.86 -17.15
N ILE B 92 -26.82 14.35 -18.16
CA ILE B 92 -25.42 13.95 -18.27
C ILE B 92 -24.59 14.54 -17.11
N THR B 93 -24.87 15.79 -16.72
CA THR B 93 -24.09 16.39 -15.64
C THR B 93 -24.32 15.66 -14.32
N LYS B 94 -25.59 15.35 -13.99
CA LYS B 94 -25.84 14.60 -12.77
C LYS B 94 -25.26 13.20 -12.86
N LEU B 95 -25.28 12.59 -14.04
CA LEU B 95 -24.77 11.22 -14.15
C LEU B 95 -23.27 11.14 -13.84
N PHE B 96 -22.47 12.09 -14.35
CA PHE B 96 -21.03 12.06 -14.10
C PHE B 96 -20.61 12.97 -12.97
N ASN B 97 -21.54 13.76 -12.43
CA ASN B 97 -21.36 14.58 -11.25
C ASN B 97 -20.36 15.71 -11.54
N TYR B 98 -20.64 16.49 -12.58
CA TYR B 98 -19.98 17.76 -12.85
C TYR B 98 -21.03 18.85 -12.92
N HIS B 99 -20.62 20.10 -12.74
CA HIS B 99 -21.59 21.19 -12.80
C HIS B 99 -22.20 21.33 -14.19
N LYS B 100 -21.38 21.23 -15.25
CA LYS B 100 -21.87 21.70 -16.54
C LYS B 100 -21.30 20.86 -17.69
N VAL B 101 -21.98 20.93 -18.83
CA VAL B 101 -21.56 20.24 -20.03
C VAL B 101 -21.55 21.25 -21.16
N LEU B 102 -20.57 21.12 -22.06
CA LEU B 102 -20.55 21.89 -23.29
C LEU B 102 -20.70 20.91 -24.44
N PRO B 103 -21.78 20.98 -25.22
CA PRO B 103 -22.02 19.97 -26.27
C PRO B 103 -21.33 20.27 -27.60
N MET B 104 -20.73 19.23 -28.18
CA MET B 104 -20.09 19.33 -29.49
C MET B 104 -20.46 18.10 -30.31
N ASN B 105 -19.85 17.92 -31.48
CA ASN B 105 -20.26 16.81 -32.34
C ASN B 105 -19.23 15.69 -32.45
N THR B 106 -17.95 16.02 -32.65
CA THR B 106 -16.95 14.99 -32.86
C THR B 106 -15.96 14.96 -31.70
N GLY B 107 -15.21 13.86 -31.63
CA GLY B 107 -14.20 13.74 -30.60
C GLY B 107 -13.18 14.86 -30.63
N VAL B 108 -12.64 15.17 -31.81
CA VAL B 108 -11.61 16.20 -31.91
C VAL B 108 -12.18 17.56 -31.56
N GLU B 109 -13.48 17.81 -31.85
CA GLU B 109 -14.06 19.08 -31.41
C GLU B 109 -14.13 19.20 -29.88
N ALA B 110 -14.41 18.10 -29.19
CA ALA B 110 -14.35 18.13 -27.73
C ALA B 110 -12.94 18.42 -27.24
N GLY B 111 -11.94 17.77 -27.84
CA GLY B 111 -10.56 18.06 -27.46
C GLY B 111 -10.19 19.51 -27.68
N GLU B 112 -10.58 20.08 -28.83
CA GLU B 112 -10.29 21.48 -29.11
C GLU B 112 -10.95 22.39 -28.09
N THR B 113 -12.20 22.07 -27.73
CA THR B 113 -12.91 22.82 -26.68
C THR B 113 -12.17 22.76 -25.36
N ALA B 114 -11.70 21.57 -24.98
CA ALA B 114 -10.95 21.44 -23.73
C ALA B 114 -9.66 22.27 -23.78
N CYS B 115 -8.97 22.29 -24.93
CA CYS B 115 -7.79 23.15 -25.04
C CYS B 115 -8.16 24.64 -24.89
N LYS B 116 -9.26 25.05 -25.51
CA LYS B 116 -9.64 26.46 -25.38
C LYS B 116 -10.03 26.80 -23.95
N LEU B 117 -10.72 25.88 -23.27
CA LEU B 117 -11.05 26.09 -21.85
C LEU B 117 -9.78 26.20 -21.01
N ALA B 118 -8.81 25.30 -21.24
CA ALA B 118 -7.60 25.32 -20.42
C ALA B 118 -6.85 26.64 -20.58
N ARG B 119 -6.71 27.11 -21.82
CA ARG B 119 -6.05 28.39 -22.06
C ARG B 119 -6.84 29.56 -21.48
N LYS B 120 -8.15 29.61 -21.74
CA LYS B 120 -8.92 30.75 -21.22
C LYS B 120 -8.87 30.79 -19.70
N TRP B 121 -8.97 29.62 -19.08
CA TRP B 121 -8.82 29.52 -17.63
C TRP B 121 -7.42 29.90 -17.21
N GLY B 122 -6.40 29.42 -17.96
CA GLY B 122 -5.03 29.78 -17.65
C GLY B 122 -4.79 31.29 -17.60
N TYR B 123 -5.39 32.04 -18.54
CA TYR B 123 -5.16 33.49 -18.60
C TYR B 123 -6.07 34.28 -17.65
N THR B 124 -7.32 33.83 -17.45
CA THR B 124 -8.28 34.64 -16.70
C THR B 124 -8.39 34.23 -15.24
N VAL B 125 -7.99 33.02 -14.87
CA VAL B 125 -8.09 32.54 -13.50
C VAL B 125 -6.70 32.31 -12.90
N LYS B 126 -5.86 31.53 -13.58
CA LYS B 126 -4.54 31.23 -13.03
C LYS B 126 -3.58 32.42 -13.14
N GLY B 127 -3.83 33.37 -14.04
CA GLY B 127 -2.99 34.55 -14.20
C GLY B 127 -1.78 34.41 -15.12
N ILE B 128 -1.77 33.46 -16.04
CA ILE B 128 -0.69 33.38 -17.03
C ILE B 128 -0.78 34.59 -17.97
N GLN B 129 0.36 35.15 -18.35
CA GLN B 129 0.34 36.27 -19.30
C GLN B 129 -0.09 35.79 -20.69
N LYS B 130 -0.92 36.60 -21.35
CA LYS B 130 -1.40 36.25 -22.69
C LYS B 130 -0.31 36.16 -23.76
N TYR B 131 0.11 34.93 -23.96
CA TYR B 131 -0.31 33.83 -24.82
C TYR B 131 0.84 32.91 -24.57
N LYS B 132 1.23 32.88 -23.28
CA LYS B 132 2.27 31.98 -22.79
C LYS B 132 1.74 30.64 -22.27
N ALA B 133 0.42 30.42 -22.27
CA ALA B 133 -0.10 29.21 -21.66
C ALA B 133 0.33 27.98 -22.44
N LYS B 134 0.68 26.91 -21.71
CA LYS B 134 1.10 25.67 -22.33
C LYS B 134 0.17 24.53 -21.96
N ILE B 135 0.12 23.53 -22.82
CA ILE B 135 -0.62 22.32 -22.56
C ILE B 135 0.34 21.17 -22.78
N VAL B 136 0.37 20.23 -21.84
CA VAL B 136 1.23 19.06 -21.91
C VAL B 136 0.41 17.86 -22.36
N PHE B 137 1.02 17.04 -23.22
CA PHE B 137 0.44 15.83 -23.77
C PHE B 137 1.44 14.70 -23.60
N ALA B 138 0.98 13.46 -23.72
CA ALA B 138 1.85 12.30 -23.62
C ALA B 138 2.17 11.76 -25.00
N ALA B 139 3.42 11.36 -25.19
CA ALA B 139 3.81 10.72 -26.45
C ALA B 139 2.89 9.52 -26.72
N GLY B 140 2.57 9.30 -28.00
CA GLY B 140 1.63 8.26 -28.43
C GLY B 140 0.17 8.66 -28.39
N ASN B 141 -0.14 9.87 -27.93
CA ASN B 141 -1.51 10.31 -27.85
C ASN B 141 -2.13 10.40 -29.25
N PHE B 142 -3.43 10.23 -29.30
CA PHE B 142 -4.19 10.50 -30.51
C PHE B 142 -5.52 11.10 -30.10
N TRP B 143 -5.79 12.33 -30.53
CA TRP B 143 -7.11 12.85 -30.23
C TRP B 143 -7.78 13.52 -31.43
N GLY B 144 -7.38 13.18 -32.66
CA GLY B 144 -8.08 13.64 -33.84
C GLY B 144 -7.13 14.14 -34.91
N ARG B 145 -7.69 14.84 -35.89
CA ARG B 145 -6.98 15.15 -37.12
C ARG B 145 -6.93 16.62 -37.47
N THR B 146 -7.38 17.51 -36.59
CA THR B 146 -7.22 18.94 -36.85
C THR B 146 -5.74 19.31 -36.76
N LEU B 147 -5.41 20.50 -37.25
CA LEU B 147 -4.01 20.96 -37.18
C LEU B 147 -3.54 21.03 -35.74
N SER B 148 -4.43 21.39 -34.82
CA SER B 148 -4.08 21.37 -33.41
C SER B 148 -3.81 19.95 -32.93
N ALA B 149 -4.74 19.03 -33.18
CA ALA B 149 -4.54 17.67 -32.69
C ALA B 149 -3.27 17.02 -33.25
N ILE B 150 -2.94 17.22 -34.53
CA ILE B 150 -1.71 16.59 -35.04
C ILE B 150 -0.47 17.30 -34.53
N SER B 151 -0.64 18.53 -34.03
CA SER B 151 0.53 19.25 -33.50
C SER B 151 1.03 18.68 -32.17
N SER B 152 0.23 17.84 -31.50
CA SER B 152 0.65 17.16 -30.28
C SER B 152 1.04 15.70 -30.54
N SER B 153 1.00 15.25 -31.78
CA SER B 153 1.29 13.87 -32.10
C SER B 153 2.79 13.58 -32.17
N THR B 154 3.17 12.37 -31.76
CA THR B 154 4.51 11.87 -32.07
C THR B 154 4.47 10.82 -33.17
N ASP B 155 3.35 10.72 -33.89
CA ASP B 155 3.24 9.82 -35.03
C ASP B 155 3.54 10.58 -36.32
N PRO B 156 4.63 10.24 -37.03
CA PRO B 156 4.93 10.99 -38.28
C PRO B 156 3.83 10.90 -39.33
N THR B 157 3.04 9.82 -39.38
CA THR B 157 1.97 9.76 -40.36
C THR B 157 0.89 10.80 -40.07
N SER B 158 0.74 11.22 -38.81
CA SER B 158 -0.24 12.23 -38.49
C SER B 158 0.23 13.62 -38.87
N TYR B 159 1.51 13.95 -38.61
CA TYR B 159 1.94 15.34 -38.77
C TYR B 159 2.80 15.64 -40.00
N ASP B 160 3.40 14.64 -40.64
CA ASP B 160 4.30 14.90 -41.76
C ASP B 160 3.56 15.60 -42.91
N GLY B 161 4.12 16.73 -43.38
CA GLY B 161 3.54 17.46 -44.51
C GLY B 161 2.41 18.39 -44.16
N PHE B 162 2.07 18.54 -42.87
CA PHE B 162 0.92 19.33 -42.48
C PHE B 162 1.29 20.53 -41.64
N GLY B 163 2.59 20.78 -41.40
CA GLY B 163 2.99 21.90 -40.58
C GLY B 163 2.89 23.20 -41.34
N PRO B 164 3.19 24.31 -40.65
CA PRO B 164 3.77 24.43 -39.31
C PRO B 164 2.76 24.13 -38.21
N PHE B 165 3.26 23.91 -36.99
CA PHE B 165 2.43 23.32 -35.95
C PHE B 165 2.04 24.34 -34.89
N MET B 166 1.06 23.95 -34.10
CA MET B 166 0.51 24.81 -33.05
C MET B 166 1.54 25.00 -31.96
N PRO B 167 1.90 26.23 -31.60
CA PRO B 167 2.82 26.43 -30.48
C PRO B 167 2.13 26.17 -29.15
N GLY B 168 2.94 26.12 -28.11
CA GLY B 168 2.46 25.98 -26.74
C GLY B 168 2.01 24.59 -26.35
N PHE B 169 2.38 23.56 -27.12
CA PHE B 169 2.08 22.16 -26.84
C PHE B 169 3.37 21.49 -26.44
N ASP B 170 3.35 20.64 -25.41
CA ASP B 170 4.68 20.41 -24.91
C ASP B 170 4.51 18.90 -24.70
N ILE B 171 5.49 18.01 -24.99
CA ILE B 171 5.21 16.56 -25.02
C ILE B 171 6.12 15.79 -24.06
N ILE B 172 5.55 14.85 -23.30
CA ILE B 172 6.30 14.02 -22.34
C ILE B 172 6.01 12.55 -22.58
N PRO B 173 6.87 11.64 -22.10
CA PRO B 173 6.55 10.21 -22.21
C PRO B 173 5.28 9.85 -21.45
N TYR B 174 4.52 8.90 -22.00
CA TYR B 174 3.39 8.34 -21.29
C TYR B 174 3.88 7.51 -20.10
N ASN B 175 3.03 7.37 -19.09
CA ASN B 175 3.28 6.44 -17.98
C ASN B 175 4.54 6.80 -17.21
N ASP B 176 4.73 8.11 -16.96
CA ASP B 176 6.00 8.63 -16.45
C ASP B 176 5.71 9.81 -15.52
N LEU B 177 5.47 9.51 -14.24
CA LEU B 177 5.17 10.57 -13.28
C LEU B 177 6.34 11.53 -13.08
N PRO B 178 7.61 11.08 -13.02
CA PRO B 178 8.71 12.05 -12.91
C PRO B 178 8.77 13.05 -14.07
N ALA B 179 8.54 12.59 -15.30
CA ALA B 179 8.53 13.53 -16.42
C ALA B 179 7.38 14.52 -16.29
N LEU B 180 6.21 14.06 -15.83
CA LEU B 180 5.11 15.01 -15.63
C LEU B 180 5.47 16.04 -14.57
N GLU B 181 6.10 15.61 -13.48
CA GLU B 181 6.45 16.56 -12.42
C GLU B 181 7.46 17.58 -12.91
N ARG B 182 8.44 17.14 -13.72
CA ARG B 182 9.38 18.11 -14.32
C ARG B 182 8.68 19.08 -15.25
N ALA B 183 7.72 18.61 -16.05
CA ALA B 183 7.03 19.53 -16.96
C ALA B 183 6.20 20.55 -16.19
N LEU B 184 5.58 20.13 -15.09
CA LEU B 184 4.69 21.04 -14.37
C LEU B 184 5.43 22.08 -13.53
N GLN B 185 6.77 22.02 -13.45
CA GLN B 185 7.50 23.10 -12.79
C GLN B 185 7.38 24.43 -13.51
N ASP B 186 6.96 24.43 -14.79
CA ASP B 186 6.69 25.68 -15.48
C ASP B 186 5.33 26.24 -15.07
N PRO B 187 5.30 27.39 -14.39
CA PRO B 187 4.01 27.97 -13.97
C PRO B 187 3.09 28.39 -15.13
N ASN B 188 3.58 28.40 -16.38
CA ASN B 188 2.79 28.73 -17.55
C ASN B 188 2.05 27.53 -18.12
N VAL B 189 2.21 26.34 -17.54
CA VAL B 189 1.39 25.20 -17.95
C VAL B 189 -0.02 25.39 -17.41
N ALA B 190 -1.01 25.27 -18.30
CA ALA B 190 -2.38 25.37 -17.86
C ALA B 190 -3.05 24.00 -17.70
N ALA B 191 -2.57 22.98 -18.40
CA ALA B 191 -3.31 21.72 -18.46
C ALA B 191 -2.39 20.60 -18.93
N PHE B 192 -2.78 19.39 -18.56
CA PHE B 192 -2.21 18.16 -19.04
C PHE B 192 -3.38 17.34 -19.57
N MET B 193 -3.27 16.89 -20.83
CA MET B 193 -4.32 16.10 -21.48
C MET B 193 -3.79 14.71 -21.73
N VAL B 194 -4.52 13.69 -21.28
CA VAL B 194 -4.02 12.33 -21.36
C VAL B 194 -5.18 11.36 -21.46
N GLU B 195 -4.97 10.27 -22.21
CA GLU B 195 -5.90 9.16 -22.23
C GLU B 195 -5.58 8.21 -21.08
N PRO B 196 -6.58 7.70 -20.38
CA PRO B 196 -6.31 6.74 -19.29
C PRO B 196 -5.76 5.44 -19.79
N ILE B 197 -6.06 5.10 -21.05
CA ILE B 197 -5.43 4.03 -21.81
C ILE B 197 -5.29 4.57 -23.23
N GLN B 198 -4.12 4.40 -23.85
CA GLN B 198 -3.87 4.94 -25.18
C GLN B 198 -4.39 3.94 -26.22
N GLY B 199 -5.44 4.33 -26.94
CA GLY B 199 -6.03 3.44 -27.93
C GLY B 199 -5.21 3.25 -29.19
N GLU B 200 -5.00 4.35 -29.94
CA GLU B 200 -4.28 4.26 -31.21
C GLU B 200 -2.88 3.71 -31.02
N ALA B 201 -2.21 4.12 -29.94
CA ALA B 201 -0.86 3.63 -29.68
C ALA B 201 -0.81 2.12 -29.52
N GLY B 202 -1.96 1.47 -29.33
CA GLY B 202 -2.00 0.01 -29.28
C GLY B 202 -2.48 -0.55 -27.96
N VAL B 203 -3.53 0.05 -27.40
CA VAL B 203 -4.07 -0.28 -26.08
C VAL B 203 -2.91 -0.33 -25.08
N VAL B 204 -2.30 0.81 -24.83
CA VAL B 204 -1.21 0.90 -23.86
C VAL B 204 -1.82 1.26 -22.53
N VAL B 205 -1.81 0.30 -21.60
CA VAL B 205 -2.33 0.53 -20.26
C VAL B 205 -1.19 1.00 -19.36
N PRO B 206 -1.33 2.13 -18.68
CA PRO B 206 -0.27 2.60 -17.79
C PRO B 206 -0.28 1.81 -16.48
N ASP B 207 0.82 1.93 -15.73
CA ASP B 207 0.98 1.18 -14.48
C ASP B 207 -0.05 1.63 -13.44
N PRO B 208 -0.50 0.70 -12.57
CA PRO B 208 -1.35 1.08 -11.43
C PRO B 208 -0.77 2.27 -10.67
N GLY B 209 -1.62 3.22 -10.34
CA GLY B 209 -1.18 4.41 -9.65
C GLY B 209 -0.85 5.60 -10.54
N TYR B 210 -0.65 5.36 -11.85
CA TYR B 210 -0.29 6.46 -12.76
C TYR B 210 -1.33 7.56 -12.72
N LEU B 211 -2.59 7.19 -12.88
CA LEU B 211 -3.68 8.17 -12.89
C LEU B 211 -3.81 8.88 -11.55
N MET B 212 -3.68 8.12 -10.46
CA MET B 212 -3.68 8.69 -9.12
C MET B 212 -2.60 9.76 -8.97
N GLY B 213 -1.39 9.44 -9.44
CA GLY B 213 -0.30 10.40 -9.37
C GLY B 213 -0.49 11.61 -10.28
N VAL B 214 -1.06 11.39 -11.49
CA VAL B 214 -1.37 12.51 -12.36
C VAL B 214 -2.32 13.47 -11.66
N ARG B 215 -3.39 12.93 -11.05
CA ARG B 215 -4.32 13.79 -10.35
C ARG B 215 -3.60 14.59 -9.27
N GLU B 216 -2.70 13.93 -8.52
CA GLU B 216 -2.01 14.61 -7.43
C GLU B 216 -1.10 15.73 -7.96
N LEU B 217 -0.30 15.41 -8.98
CA LEU B 217 0.62 16.39 -9.55
C LEU B 217 -0.12 17.58 -10.13
N CYS B 218 -1.24 17.35 -10.84
CA CYS B 218 -1.96 18.49 -11.44
C CYS B 218 -2.56 19.39 -10.37
N THR B 219 -3.12 18.80 -9.30
CA THR B 219 -3.68 19.63 -8.21
C THR B 219 -2.58 20.42 -7.50
N ARG B 220 -1.45 19.78 -7.23
CA ARG B 220 -0.33 20.50 -6.59
C ARG B 220 0.10 21.75 -7.37
N HIS B 221 0.15 21.68 -8.72
CA HIS B 221 0.77 22.73 -9.55
C HIS B 221 -0.18 23.70 -10.24
N GLN B 222 -1.44 23.39 -10.28
CA GLN B 222 -2.50 24.36 -9.97
C GLN B 222 -2.93 24.01 -11.45
N VAL B 223 -2.84 22.81 -11.93
CA VAL B 223 -2.91 22.53 -13.35
C VAL B 223 -4.15 21.71 -13.69
N LEU B 224 -4.84 22.01 -14.82
CA LEU B 224 -6.05 21.24 -15.18
C LEU B 224 -5.70 19.87 -15.71
N PHE B 225 -6.36 18.85 -15.15
CA PHE B 225 -6.21 17.48 -15.67
C PHE B 225 -7.38 17.17 -16.60
N ILE B 226 -7.06 17.08 -17.90
CA ILE B 226 -8.04 16.77 -18.95
C ILE B 226 -7.91 15.30 -19.26
N ALA B 227 -8.97 14.55 -19.00
CA ALA B 227 -8.98 13.12 -19.26
C ALA B 227 -9.77 12.90 -20.54
N ASP B 228 -9.11 12.33 -21.55
CA ASP B 228 -9.77 12.05 -22.82
C ASP B 228 -10.34 10.63 -22.73
N GLU B 229 -11.63 10.54 -22.43
CA GLU B 229 -12.33 9.28 -22.33
C GLU B 229 -13.23 9.04 -23.55
N ILE B 230 -12.88 9.63 -24.68
CA ILE B 230 -13.71 9.53 -25.87
C ILE B 230 -13.76 8.09 -26.33
N GLN B 231 -12.66 7.35 -26.13
CA GLN B 231 -12.60 5.94 -26.47
C GLN B 231 -12.77 5.03 -25.25
N THR B 232 -12.22 5.38 -24.09
CA THR B 232 -12.22 4.48 -22.94
C THR B 232 -13.45 4.59 -22.05
N GLY B 233 -14.26 5.64 -22.22
CA GLY B 233 -15.38 5.87 -21.33
C GLY B 233 -16.57 5.00 -21.71
N LEU B 234 -17.68 5.26 -21.01
CA LEU B 234 -18.97 4.71 -21.37
C LEU B 234 -18.93 3.17 -21.41
N ALA B 235 -18.38 2.58 -20.34
CA ALA B 235 -18.42 1.15 -20.00
C ALA B 235 -17.46 0.29 -20.81
N ARG B 236 -16.74 0.83 -21.78
CA ARG B 236 -15.87 0.01 -22.62
C ARG B 236 -14.80 -0.73 -21.81
N THR B 237 -14.23 -0.07 -20.81
CA THR B 237 -13.20 -0.72 -20.00
C THR B 237 -13.72 -1.36 -18.71
N GLY B 238 -15.03 -1.37 -18.50
CA GLY B 238 -15.61 -1.96 -17.30
C GLY B 238 -16.10 -0.97 -16.27
N ARG B 239 -15.90 0.33 -16.50
CA ARG B 239 -16.47 1.35 -15.65
C ARG B 239 -17.07 2.40 -16.54
N TRP B 240 -17.86 3.28 -15.94
CA TRP B 240 -18.36 4.45 -16.65
C TRP B 240 -17.20 5.26 -17.25
N LEU B 241 -16.12 5.43 -16.50
CA LEU B 241 -14.90 6.07 -16.98
C LEU B 241 -13.75 5.20 -16.53
N ALA B 242 -12.80 4.96 -17.44
CA ALA B 242 -11.62 4.20 -17.06
C ALA B 242 -10.88 4.82 -15.87
N VAL B 243 -10.96 6.15 -15.68
CA VAL B 243 -10.36 6.77 -14.49
C VAL B 243 -11.04 6.30 -13.20
N ASP B 244 -12.26 5.73 -13.29
CA ASP B 244 -12.94 5.27 -12.08
C ASP B 244 -12.19 4.14 -11.37
N TYR B 245 -11.32 3.42 -12.09
CA TYR B 245 -10.51 2.35 -11.51
C TYR B 245 -9.55 2.85 -10.44
N GLU B 246 -9.21 4.13 -10.46
CA GLU B 246 -8.35 4.70 -9.44
C GLU B 246 -9.02 5.85 -8.73
N ASN B 247 -10.35 5.92 -8.78
CA ASN B 247 -11.14 6.94 -8.07
C ASN B 247 -10.75 8.36 -8.49
N VAL B 248 -10.18 8.52 -9.65
CA VAL B 248 -9.62 9.80 -10.04
C VAL B 248 -10.71 10.65 -10.67
N ARG B 249 -10.85 11.87 -10.20
CA ARG B 249 -11.78 12.85 -10.75
C ARG B 249 -10.99 13.88 -11.55
N PRO B 250 -11.00 13.83 -12.87
CA PRO B 250 -10.35 14.87 -13.68
C PRO B 250 -11.08 16.20 -13.59
N ASP B 251 -10.36 17.28 -13.94
CA ASP B 251 -11.02 18.58 -14.00
C ASP B 251 -11.90 18.70 -15.22
N ILE B 252 -11.47 18.14 -16.35
CA ILE B 252 -12.28 18.14 -17.57
C ILE B 252 -12.34 16.71 -18.06
N VAL B 253 -13.55 16.22 -18.36
CA VAL B 253 -13.75 14.92 -18.99
C VAL B 253 -14.30 15.13 -20.40
N LEU B 254 -13.73 14.41 -21.36
CA LEU B 254 -14.16 14.39 -22.75
C LEU B 254 -14.86 13.06 -23.04
N LEU B 255 -16.05 13.13 -23.62
CA LEU B 255 -16.78 11.95 -24.04
C LEU B 255 -17.15 12.06 -25.51
N GLY B 256 -17.25 10.92 -26.17
CA GLY B 256 -17.64 10.93 -27.57
C GLY B 256 -18.14 9.56 -28.00
N LYS B 257 -17.82 9.21 -29.24
CA LYS B 257 -18.03 7.90 -29.84
C LYS B 257 -19.30 7.21 -29.36
N ALA B 258 -19.25 6.42 -28.28
CA ALA B 258 -20.44 5.63 -27.89
C ALA B 258 -21.49 6.46 -27.16
N LEU B 259 -21.26 7.76 -26.99
CA LEU B 259 -22.28 8.61 -26.41
C LEU B 259 -23.58 8.63 -27.22
N SER B 260 -23.59 8.08 -28.44
CA SER B 260 -24.79 8.03 -29.23
C SER B 260 -25.09 6.63 -29.73
N GLY B 261 -24.37 5.63 -29.25
CA GLY B 261 -24.55 4.30 -29.83
C GLY B 261 -24.26 4.19 -31.31
N GLY B 262 -23.56 5.16 -31.91
CA GLY B 262 -23.24 5.06 -33.32
C GLY B 262 -24.28 5.64 -34.25
N LEU B 263 -25.32 6.28 -33.71
CA LEU B 263 -26.44 6.80 -34.48
C LEU B 263 -26.28 8.27 -34.84
N TYR B 264 -25.35 8.97 -34.23
CA TYR B 264 -25.27 10.43 -34.41
C TYR B 264 -23.93 10.91 -33.86
N PRO B 265 -23.21 11.84 -34.52
CA PRO B 265 -21.95 12.31 -33.91
C PRO B 265 -22.25 13.23 -32.76
N VAL B 266 -22.03 12.74 -31.55
CA VAL B 266 -22.30 13.51 -30.33
C VAL B 266 -21.07 13.46 -29.45
N SER B 267 -20.58 14.60 -28.99
CA SER B 267 -19.48 14.60 -28.03
C SER B 267 -19.78 15.59 -26.92
N ALA B 268 -19.03 15.47 -25.82
CA ALA B 268 -19.33 16.24 -24.62
C ALA B 268 -18.04 16.65 -23.90
N VAL B 269 -18.06 17.85 -23.35
CA VAL B 269 -17.00 18.39 -22.48
C VAL B 269 -17.64 18.70 -21.13
N LEU B 270 -17.20 17.98 -20.10
CA LEU B 270 -17.73 18.10 -18.74
C LEU B 270 -16.71 18.73 -17.80
N CYS B 271 -17.14 19.71 -17.02
CA CYS B 271 -16.29 20.34 -16.02
C CYS B 271 -17.14 21.25 -15.12
N ASP B 272 -16.53 21.68 -14.02
CA ASP B 272 -17.19 22.55 -13.04
C ASP B 272 -17.22 24.03 -13.46
N ASP B 273 -17.99 24.80 -12.69
CA ASP B 273 -18.28 26.19 -13.05
C ASP B 273 -17.02 27.05 -13.15
N ASP B 274 -16.03 26.83 -12.26
CA ASP B 274 -14.86 27.69 -12.25
C ASP B 274 -14.06 27.59 -13.53
N ILE B 275 -14.18 26.46 -14.24
CA ILE B 275 -13.53 26.27 -15.53
C ILE B 275 -14.52 26.67 -16.62
N MET B 276 -15.72 26.06 -16.57
CA MET B 276 -16.62 26.12 -17.71
C MET B 276 -16.96 27.58 -18.00
N LEU B 277 -17.11 28.38 -16.96
CA LEU B 277 -17.65 29.71 -17.13
C LEU B 277 -16.58 30.73 -17.50
N THR B 278 -15.34 30.33 -17.71
CA THR B 278 -14.38 31.24 -18.31
C THR B 278 -14.76 31.60 -19.75
N ILE B 279 -15.56 30.78 -20.42
CA ILE B 279 -15.99 31.04 -21.80
C ILE B 279 -17.33 31.77 -21.77
N LYS B 280 -17.39 32.92 -22.45
CA LYS B 280 -18.54 33.82 -22.41
C LYS B 280 -19.40 33.65 -23.64
N PRO B 281 -20.65 34.17 -23.62
CA PRO B 281 -21.51 34.04 -24.80
C PRO B 281 -20.85 34.61 -26.04
N GLY B 282 -20.96 33.87 -27.14
CA GLY B 282 -20.34 34.27 -28.37
C GLY B 282 -18.90 33.87 -28.52
N GLU B 283 -18.30 33.21 -27.53
CA GLU B 283 -16.86 32.93 -27.59
C GLU B 283 -16.53 31.52 -28.04
N HIS B 284 -17.52 30.68 -28.29
CA HIS B 284 -17.27 29.28 -28.68
C HIS B 284 -18.61 28.68 -29.08
N GLY B 285 -18.58 27.79 -30.05
CA GLY B 285 -19.84 27.30 -30.56
C GLY B 285 -19.64 26.26 -31.63
N SER B 286 -20.75 25.91 -32.27
CA SER B 286 -20.80 24.87 -33.30
C SER B 286 -22.22 24.83 -33.83
N THR B 287 -22.36 24.74 -35.15
CA THR B 287 -23.70 24.72 -35.75
C THR B 287 -24.54 23.62 -35.14
N TYR B 288 -24.05 22.38 -35.20
CA TYR B 288 -24.84 21.22 -34.81
C TYR B 288 -24.70 20.83 -33.34
N GLY B 289 -23.82 21.47 -32.57
CA GLY B 289 -23.56 21.03 -31.21
C GLY B 289 -24.76 21.32 -30.32
N GLY B 290 -25.26 20.30 -29.63
CA GLY B 290 -26.42 20.48 -28.76
C GLY B 290 -27.77 20.47 -29.46
N ASN B 291 -27.83 19.94 -30.69
CA ASN B 291 -29.09 19.90 -31.42
C ASN B 291 -30.03 18.87 -30.79
N PRO B 292 -31.35 19.04 -30.94
CA PRO B 292 -32.29 18.15 -30.20
C PRO B 292 -32.25 16.70 -30.67
N LEU B 293 -31.93 16.44 -31.95
CA LEU B 293 -31.89 15.07 -32.42
C LEU B 293 -30.74 14.31 -31.77
N GLY B 294 -29.56 14.93 -31.73
CA GLY B 294 -28.44 14.31 -31.05
C GLY B 294 -28.68 14.11 -29.56
N CYS B 295 -29.30 15.09 -28.88
CA CYS B 295 -29.49 14.93 -27.43
C CYS B 295 -30.45 13.79 -27.12
N ARG B 296 -31.54 13.66 -27.89
CA ARG B 296 -32.45 12.54 -27.65
C ARG B 296 -31.73 11.22 -27.85
N VAL B 297 -30.90 11.15 -28.87
CA VAL B 297 -30.12 9.93 -29.11
C VAL B 297 -29.19 9.66 -27.93
N ALA B 298 -28.56 10.70 -27.39
CA ALA B 298 -27.55 10.49 -26.37
C ALA B 298 -28.17 10.09 -25.04
N ILE B 299 -29.28 10.75 -24.66
CA ILE B 299 -30.04 10.32 -23.49
C ILE B 299 -30.33 8.83 -23.56
N ALA B 300 -30.82 8.35 -24.71
CA ALA B 300 -31.15 6.94 -24.84
C ALA B 300 -29.89 6.06 -24.81
N ALA B 301 -28.82 6.51 -25.47
CA ALA B 301 -27.60 5.70 -25.47
C ALA B 301 -27.03 5.58 -24.06
N LEU B 302 -27.11 6.64 -23.26
CA LEU B 302 -26.62 6.55 -21.88
C LEU B 302 -27.53 5.66 -21.04
N GLU B 303 -28.85 5.74 -21.24
CA GLU B 303 -29.77 4.87 -20.50
C GLU B 303 -29.51 3.38 -20.76
N VAL B 304 -29.24 3.02 -22.03
CA VAL B 304 -28.93 1.62 -22.37
C VAL B 304 -27.76 1.10 -21.55
N LEU B 305 -26.70 1.90 -21.42
CA LEU B 305 -25.51 1.43 -20.71
C LEU B 305 -25.84 1.23 -19.24
N GLU B 306 -26.61 2.17 -18.66
CA GLU B 306 -27.04 2.18 -17.26
C GLU B 306 -27.90 0.94 -16.97
N GLU B 307 -28.98 0.77 -17.74
CA GLU B 307 -30.01 -0.19 -17.39
C GLU B 307 -29.69 -1.60 -17.84
N GLU B 308 -28.73 -1.79 -18.73
CA GLU B 308 -28.30 -3.13 -19.09
C GLU B 308 -26.99 -3.53 -18.41
N ASN B 309 -26.49 -2.70 -17.49
CA ASN B 309 -25.27 -2.99 -16.71
C ASN B 309 -24.12 -3.44 -17.61
N LEU B 310 -23.89 -2.67 -18.68
CA LEU B 310 -22.88 -3.07 -19.66
C LEU B 310 -21.46 -2.94 -19.10
N ALA B 311 -21.24 -2.01 -18.17
CA ALA B 311 -19.93 -1.92 -17.53
C ALA B 311 -19.57 -3.21 -16.82
N GLU B 312 -20.51 -3.76 -16.03
CA GLU B 312 -20.27 -5.00 -15.30
C GLU B 312 -19.99 -6.14 -16.26
N ASN B 313 -20.75 -6.18 -17.36
CA ASN B 313 -20.54 -7.21 -18.37
C ASN B 313 -19.15 -7.08 -19.01
N ALA B 314 -18.75 -5.86 -19.36
CA ALA B 314 -17.44 -5.67 -19.99
C ALA B 314 -16.32 -6.10 -19.05
N ASP B 315 -16.49 -5.86 -17.75
CA ASP B 315 -15.45 -6.24 -16.80
C ASP B 315 -15.29 -7.75 -16.77
N LYS B 316 -16.40 -8.46 -16.64
CA LYS B 316 -16.36 -9.92 -16.44
C LYS B 316 -15.91 -10.65 -17.70
N LEU B 317 -16.42 -10.26 -18.88
CA LEU B 317 -16.03 -10.94 -20.09
C LEU B 317 -14.62 -10.55 -20.54
N GLY B 318 -14.16 -9.36 -20.20
CA GLY B 318 -12.80 -8.98 -20.54
C GLY B 318 -11.78 -9.91 -19.90
N ILE B 319 -12.02 -10.26 -18.62
CA ILE B 319 -11.19 -11.26 -17.95
C ILE B 319 -11.17 -12.59 -18.71
N ILE B 320 -12.34 -13.07 -19.10
CA ILE B 320 -12.35 -14.33 -19.85
C ILE B 320 -11.57 -14.18 -21.15
N LEU B 321 -11.84 -13.11 -21.91
CA LEU B 321 -11.16 -12.90 -23.18
C LEU B 321 -9.65 -12.87 -23.00
N ARG B 322 -9.16 -12.07 -22.04
CA ARG B 322 -7.73 -11.95 -21.84
C ARG B 322 -7.11 -13.28 -21.41
N ASN B 323 -7.75 -13.99 -20.46
CA ASN B 323 -7.24 -15.29 -20.05
C ASN B 323 -7.10 -16.25 -21.23
N GLU B 324 -8.11 -16.32 -22.10
CA GLU B 324 -8.03 -17.23 -23.24
C GLU B 324 -6.95 -16.79 -24.23
N LEU B 325 -6.80 -15.48 -24.44
CA LEU B 325 -5.79 -14.98 -25.37
C LEU B 325 -4.38 -15.30 -24.90
N MET B 326 -4.17 -15.30 -23.57
CA MET B 326 -2.85 -15.62 -23.01
C MET B 326 -2.52 -17.10 -23.05
N LYS B 327 -3.36 -17.93 -23.67
CA LYS B 327 -3.08 -19.35 -23.81
C LYS B 327 -2.51 -19.70 -25.18
N LEU B 328 -2.06 -18.71 -25.93
CA LEU B 328 -1.45 -18.91 -27.24
C LEU B 328 0.06 -18.90 -27.14
N PRO B 329 0.77 -19.53 -28.08
CA PRO B 329 2.21 -19.79 -27.87
C PRO B 329 3.02 -18.50 -27.74
N SER B 330 3.89 -18.49 -26.73
CA SER B 330 4.72 -17.34 -26.39
C SER B 330 5.61 -16.89 -27.54
N ASP B 331 5.49 -17.52 -28.71
CA ASP B 331 6.35 -17.21 -29.85
C ASP B 331 5.55 -16.81 -31.09
N VAL B 332 4.27 -16.49 -30.95
CA VAL B 332 3.52 -15.91 -32.07
C VAL B 332 2.63 -14.79 -31.55
N VAL B 333 2.26 -14.87 -30.28
CA VAL B 333 1.53 -13.81 -29.59
C VAL B 333 2.48 -13.31 -28.51
N THR B 334 3.08 -12.15 -28.75
CA THR B 334 4.07 -11.60 -27.83
C THR B 334 3.41 -11.12 -26.54
N ALA B 335 2.29 -10.39 -26.66
CA ALA B 335 1.72 -9.76 -25.49
C ALA B 335 0.21 -9.70 -25.61
N VAL B 336 -0.46 -9.69 -24.47
CA VAL B 336 -1.90 -9.52 -24.36
C VAL B 336 -2.15 -8.41 -23.37
N ARG B 337 -3.01 -7.45 -23.74
CA ARG B 337 -3.24 -6.35 -22.80
C ARG B 337 -4.61 -5.71 -23.05
N GLY B 338 -5.11 -5.06 -22.01
CA GLY B 338 -6.39 -4.39 -22.10
C GLY B 338 -7.09 -4.33 -20.75
N LYS B 339 -8.21 -3.65 -20.74
CA LYS B 339 -9.12 -3.56 -19.61
C LYS B 339 -10.55 -3.70 -20.14
N GLY B 340 -11.39 -4.41 -19.38
CA GLY B 340 -12.74 -4.68 -19.85
C GLY B 340 -12.71 -5.30 -21.23
N LEU B 341 -13.50 -4.74 -22.14
CA LEU B 341 -13.53 -5.22 -23.52
C LEU B 341 -12.75 -4.31 -24.47
N LEU B 342 -11.76 -3.60 -23.98
CA LEU B 342 -10.79 -2.88 -24.83
C LEU B 342 -9.48 -3.65 -24.73
N ASN B 343 -9.22 -4.53 -25.69
CA ASN B 343 -8.07 -5.42 -25.60
C ASN B 343 -7.27 -5.43 -26.90
N ALA B 344 -6.02 -5.90 -26.79
CA ALA B 344 -5.18 -6.04 -27.97
C ALA B 344 -4.20 -7.18 -27.76
N ILE B 345 -3.69 -7.71 -28.87
CA ILE B 345 -2.57 -8.64 -28.85
C ILE B 345 -1.48 -8.10 -29.77
N VAL B 346 -0.24 -8.43 -29.45
CA VAL B 346 0.92 -8.13 -30.28
C VAL B 346 1.34 -9.40 -31.01
N ILE B 347 1.51 -9.30 -32.33
CA ILE B 347 1.92 -10.43 -33.17
C ILE B 347 3.44 -10.45 -33.26
N LYS B 348 4.03 -11.63 -33.10
CA LYS B 348 5.48 -11.78 -33.37
C LYS B 348 5.62 -11.70 -34.89
N GLU B 349 5.68 -10.47 -35.39
CA GLU B 349 5.61 -10.20 -36.82
C GLU B 349 6.87 -10.70 -37.51
N THR B 350 6.75 -11.82 -38.23
CA THR B 350 7.76 -12.21 -39.19
C THR B 350 7.30 -11.66 -40.53
N LYS B 351 7.61 -12.37 -41.63
CA LYS B 351 6.94 -12.11 -42.90
C LYS B 351 6.47 -13.40 -43.55
N ASP B 352 6.44 -14.50 -42.79
CA ASP B 352 5.46 -15.55 -43.05
C ASP B 352 4.05 -15.04 -42.77
N TRP B 353 3.92 -13.95 -42.00
CA TRP B 353 2.64 -13.50 -41.47
C TRP B 353 2.81 -12.20 -40.68
N ASP B 354 1.83 -11.30 -40.79
CA ASP B 354 1.77 -10.06 -40.03
C ASP B 354 0.33 -9.84 -39.61
N ALA B 355 0.08 -8.69 -38.96
CA ALA B 355 -1.26 -8.46 -38.41
C ALA B 355 -2.31 -8.36 -39.51
N TRP B 356 -1.95 -7.79 -40.65
CA TRP B 356 -2.90 -7.66 -41.74
C TRP B 356 -3.35 -9.03 -42.25
N LYS B 357 -2.40 -9.96 -42.45
CA LYS B 357 -2.76 -11.30 -42.91
C LYS B 357 -3.59 -12.05 -41.89
N VAL B 358 -3.30 -11.89 -40.59
CA VAL B 358 -4.14 -12.50 -39.57
C VAL B 358 -5.57 -11.98 -39.68
N CYS B 359 -5.72 -10.66 -39.82
CA CYS B 359 -7.04 -10.05 -39.85
C CYS B 359 -7.81 -10.43 -41.11
N LEU B 360 -7.10 -10.61 -42.24
CA LEU B 360 -7.74 -11.14 -43.45
C LEU B 360 -8.29 -12.55 -43.22
N ARG B 361 -7.55 -13.38 -42.50
CA ARG B 361 -8.02 -14.74 -42.25
C ARG B 361 -9.09 -14.77 -41.17
N LEU B 362 -8.99 -13.91 -40.17
CA LEU B 362 -10.09 -13.76 -39.21
C LEU B 362 -11.37 -13.39 -39.95
N ARG B 363 -11.26 -12.48 -40.92
CA ARG B 363 -12.42 -12.07 -41.70
C ARG B 363 -12.99 -13.26 -42.47
N ASP B 364 -12.11 -14.11 -43.00
CA ASP B 364 -12.54 -15.31 -43.71
C ASP B 364 -13.36 -16.23 -42.82
N ASN B 365 -13.10 -16.22 -41.51
CA ASN B 365 -13.72 -17.14 -40.56
C ASN B 365 -14.85 -16.49 -39.77
N GLY B 366 -15.33 -15.32 -40.21
CA GLY B 366 -16.50 -14.71 -39.63
C GLY B 366 -16.27 -13.72 -38.51
N LEU B 367 -15.08 -13.12 -38.42
CA LEU B 367 -14.76 -12.18 -37.35
C LEU B 367 -13.97 -11.00 -37.91
N LEU B 368 -14.42 -9.78 -37.60
CA LEU B 368 -13.84 -8.56 -38.15
C LEU B 368 -13.03 -7.84 -37.08
N ALA B 369 -11.72 -7.76 -37.28
CA ALA B 369 -10.84 -6.90 -36.49
C ALA B 369 -9.87 -6.22 -37.46
N LYS B 370 -9.14 -5.21 -36.98
CA LYS B 370 -8.17 -4.57 -37.88
C LYS B 370 -6.89 -4.24 -37.13
N PRO B 371 -5.73 -4.33 -37.79
CA PRO B 371 -4.49 -3.97 -37.10
C PRO B 371 -4.33 -2.46 -36.94
N THR B 372 -3.67 -2.08 -35.85
CA THR B 372 -3.37 -0.67 -35.58
C THR B 372 -1.99 -0.28 -36.06
N HIS B 373 -1.06 -1.24 -36.13
CA HIS B 373 0.20 -1.04 -36.87
C HIS B 373 1.01 -2.31 -36.94
N GLY B 374 0.95 -3.02 -38.06
CA GLY B 374 1.90 -4.09 -38.38
C GLY B 374 1.90 -5.32 -37.48
N ASP B 375 1.76 -5.12 -36.17
CA ASP B 375 1.81 -6.25 -35.26
C ASP B 375 0.73 -6.22 -34.17
N ILE B 376 -0.15 -5.22 -34.13
CA ILE B 376 -1.14 -5.10 -33.07
C ILE B 376 -2.52 -5.31 -33.66
N ILE B 377 -3.31 -6.18 -33.04
CA ILE B 377 -4.69 -6.42 -33.43
C ILE B 377 -5.59 -6.14 -32.22
N ARG B 378 -6.55 -5.26 -32.41
CA ARG B 378 -7.46 -4.91 -31.34
C ARG B 378 -8.68 -5.83 -31.36
N PHE B 379 -9.10 -6.26 -30.16
CA PHE B 379 -10.29 -7.08 -29.97
C PHE B 379 -11.23 -6.31 -29.05
N ALA B 380 -12.27 -5.71 -29.62
CA ALA B 380 -13.17 -4.80 -28.91
C ALA B 380 -14.60 -5.00 -29.38
N PRO B 381 -15.22 -6.10 -28.99
CA PRO B 381 -16.61 -6.37 -29.43
C PRO B 381 -17.60 -5.50 -28.68
N PRO B 382 -18.83 -5.36 -29.18
CA PRO B 382 -19.83 -4.57 -28.45
C PRO B 382 -20.10 -5.18 -27.08
N LEU B 383 -20.42 -4.31 -26.12
CA LEU B 383 -20.55 -4.72 -24.73
C LEU B 383 -21.83 -5.50 -24.48
N VAL B 384 -22.71 -5.64 -25.47
CA VAL B 384 -23.93 -6.41 -25.33
C VAL B 384 -23.67 -7.85 -25.72
N ILE B 385 -22.40 -8.19 -25.95
CA ILE B 385 -22.04 -9.56 -26.24
C ILE B 385 -22.31 -10.41 -25.00
N LYS B 386 -22.94 -11.57 -25.24
CA LYS B 386 -23.13 -12.73 -24.38
C LYS B 386 -21.85 -13.58 -24.23
N GLU B 387 -21.77 -14.26 -23.08
CA GLU B 387 -20.60 -15.08 -22.74
C GLU B 387 -20.37 -16.15 -23.79
N ASP B 388 -21.43 -16.63 -24.39
CA ASP B 388 -21.30 -17.88 -25.13
C ASP B 388 -21.00 -17.56 -26.57
N GLU B 389 -21.56 -16.44 -27.03
CA GLU B 389 -21.08 -15.80 -28.24
C GLU B 389 -19.61 -15.44 -28.14
N LEU B 390 -19.17 -14.94 -26.97
CA LEU B 390 -17.77 -14.59 -26.81
C LEU B 390 -16.88 -15.82 -26.91
N ARG B 391 -17.36 -16.97 -26.41
CA ARG B 391 -16.55 -18.17 -26.52
C ARG B 391 -16.46 -18.66 -27.95
N GLU B 392 -17.56 -18.53 -28.70
CA GLU B 392 -17.51 -18.80 -30.14
C GLU B 392 -16.46 -17.95 -30.84
N SER B 393 -16.39 -16.65 -30.48
CA SER B 393 -15.40 -15.77 -31.11
C SER B 393 -13.98 -16.19 -30.76
N ILE B 394 -13.74 -16.44 -29.47
CA ILE B 394 -12.42 -16.89 -29.00
C ILE B 394 -11.99 -18.12 -29.78
N GLU B 395 -12.92 -19.03 -30.02
CA GLU B 395 -12.63 -20.22 -30.79
C GLU B 395 -12.26 -19.88 -32.23
N ILE B 396 -12.88 -18.84 -32.80
CA ILE B 396 -12.45 -18.39 -34.11
C ILE B 396 -11.05 -17.78 -34.03
N ILE B 397 -10.75 -17.06 -32.94
CA ILE B 397 -9.42 -16.48 -32.82
C ILE B 397 -8.37 -17.57 -32.67
N ASN B 398 -8.66 -18.60 -31.86
CA ASN B 398 -7.73 -19.73 -31.70
C ASN B 398 -7.46 -20.41 -33.04
N LYS B 399 -8.53 -20.85 -33.72
CA LYS B 399 -8.42 -21.44 -35.05
C LYS B 399 -7.49 -20.62 -35.94
N THR B 400 -7.74 -19.32 -36.03
CA THR B 400 -7.07 -18.52 -37.05
C THR B 400 -5.59 -18.38 -36.74
N ILE B 401 -5.24 -18.07 -35.48
CA ILE B 401 -3.84 -17.92 -35.11
C ILE B 401 -3.07 -19.22 -35.35
N LEU B 402 -3.57 -20.33 -34.80
CA LEU B 402 -2.86 -21.61 -34.93
C LEU B 402 -2.88 -22.15 -36.35
N SER B 403 -3.61 -21.52 -37.27
CA SER B 403 -3.63 -22.00 -38.65
C SER B 403 -2.46 -21.45 -39.48
N PHE B 404 -1.59 -20.61 -38.90
CA PHE B 404 -0.48 -20.02 -39.64
C PHE B 404 0.82 -20.82 -39.52
N PRO C 3 8.63 37.90 36.55
CA PRO C 3 8.04 36.72 35.90
C PRO C 3 8.96 36.10 34.84
N THR C 4 10.13 35.57 35.20
CA THR C 4 11.05 35.08 34.18
C THR C 4 10.63 33.69 33.70
N SER C 5 11.30 33.24 32.62
CA SER C 5 11.09 31.88 32.14
C SER C 5 11.30 30.88 33.25
N ASP C 6 12.35 31.08 34.05
CA ASP C 6 12.69 30.10 35.09
C ASP C 6 11.66 30.11 36.21
N ASP C 7 11.08 31.26 36.55
CA ASP C 7 9.96 31.23 37.50
C ASP C 7 8.76 30.51 36.92
N ILE C 8 8.49 30.68 35.62
CA ILE C 8 7.36 29.98 35.01
C ILE C 8 7.54 28.48 35.09
N PHE C 9 8.69 27.99 34.65
CA PHE C 9 8.95 26.56 34.71
C PHE C 9 8.76 26.10 36.13
N GLU C 10 9.49 26.75 37.05
CA GLU C 10 9.72 26.31 38.45
C GLU C 10 8.42 25.90 39.07
N ARG C 11 7.52 26.89 38.95
CA ARG C 11 6.11 27.00 39.37
C ARG C 11 5.20 25.94 38.73
N GLU C 12 5.22 25.73 37.40
CA GLU C 12 4.37 24.63 36.93
C GLU C 12 4.81 23.32 37.57
N TYR C 13 6.13 23.16 37.76
CA TYR C 13 6.71 21.97 38.39
C TYR C 13 6.21 21.78 39.82
N LYS C 14 5.89 22.87 40.50
CA LYS C 14 5.46 22.73 41.88
C LYS C 14 3.96 22.48 41.99
N TYR C 15 3.13 23.13 41.18
CA TYR C 15 1.68 23.05 41.34
C TYR C 15 0.98 22.23 40.27
N GLY C 16 1.66 21.84 39.20
CA GLY C 16 1.04 21.09 38.12
C GLY C 16 1.54 19.65 38.10
N ALA C 17 0.68 18.75 37.61
CA ALA C 17 1.11 17.36 37.37
C ALA C 17 2.28 17.33 36.39
N HIS C 18 3.11 16.30 36.51
CA HIS C 18 4.26 16.14 35.63
C HIS C 18 3.95 15.18 34.47
N ASN C 19 2.77 15.28 33.87
CA ASN C 19 2.46 14.38 32.77
C ASN C 19 3.06 14.84 31.44
N TYR C 20 3.69 16.03 31.41
CA TYR C 20 4.45 16.52 30.27
C TYR C 20 5.86 16.91 30.73
N HIS C 21 6.82 16.85 29.81
CA HIS C 21 8.12 17.48 30.01
C HIS C 21 8.27 18.41 28.81
N PRO C 22 7.79 19.64 28.91
CA PRO C 22 7.82 20.54 27.75
C PRO C 22 9.24 20.95 27.38
N LEU C 23 9.39 21.39 26.14
CA LEU C 23 10.62 22.08 25.78
C LEU C 23 10.74 23.35 26.61
N PRO C 24 11.93 23.66 27.18
CA PRO C 24 12.07 24.83 28.07
C PRO C 24 11.93 26.17 27.35
N VAL C 25 10.69 26.61 27.10
CA VAL C 25 10.44 27.95 26.58
C VAL C 25 9.08 28.40 27.09
N ALA C 26 8.94 29.70 27.40
CA ALA C 26 7.77 30.18 28.14
C ALA C 26 7.05 31.27 27.34
N LEU C 27 5.91 30.92 26.75
CA LEU C 27 5.33 31.73 25.70
C LEU C 27 4.25 32.63 26.31
N GLU C 28 4.07 33.84 25.74
CA GLU C 28 2.95 34.66 26.22
C GLU C 28 2.13 35.30 25.12
N ARG C 29 2.57 35.26 23.87
CA ARG C 29 1.80 35.85 22.80
C ARG C 29 1.99 35.04 21.53
N GLY C 30 0.98 35.02 20.68
CA GLY C 30 1.10 34.32 19.42
C GLY C 30 0.30 35.03 18.36
N LYS C 31 0.80 34.99 17.13
CA LYS C 31 0.06 35.60 16.04
C LYS C 31 0.52 35.00 14.72
N GLY C 32 -0.40 34.43 13.97
CA GLY C 32 -0.01 33.78 12.72
C GLY C 32 1.02 32.69 12.97
N ILE C 33 2.16 32.78 12.28
CA ILE C 33 3.18 31.76 12.42
C ILE C 33 4.10 31.98 13.60
N TYR C 34 3.93 33.07 14.36
CA TYR C 34 4.93 33.50 15.32
C TYR C 34 4.47 33.34 16.77
N LEU C 35 5.43 33.03 17.63
CA LEU C 35 5.25 33.04 19.07
C LEU C 35 6.32 33.90 19.72
N TRP C 36 5.95 34.59 20.81
CA TRP C 36 6.90 35.37 21.61
C TRP C 36 6.93 34.86 23.03
N ASP C 37 8.13 34.70 23.59
CA ASP C 37 8.27 34.27 24.98
C ASP C 37 8.30 35.49 25.91
N VAL C 38 8.41 35.22 27.22
CA VAL C 38 8.26 36.29 28.21
C VAL C 38 9.47 37.21 28.30
N GLU C 39 10.59 36.84 27.71
CA GLU C 39 11.73 37.73 27.56
C GLU C 39 11.65 38.56 26.28
N GLY C 40 10.59 38.40 25.48
CA GLY C 40 10.43 39.09 24.20
C GLY C 40 11.06 38.43 22.99
N ARG C 41 11.70 37.27 23.15
CA ARG C 41 12.24 36.57 21.98
C ARG C 41 11.11 36.06 21.07
N LYS C 42 11.40 36.00 19.77
CA LYS C 42 10.41 35.68 18.75
C LYS C 42 10.79 34.38 18.06
N TYR C 43 9.79 33.52 17.81
CA TYR C 43 10.07 32.18 17.30
C TYR C 43 9.09 31.82 16.17
N PHE C 44 9.60 31.08 15.20
CA PHE C 44 8.73 30.34 14.29
C PHE C 44 8.09 29.17 15.04
N ASP C 45 6.77 29.04 14.97
CA ASP C 45 6.06 27.89 15.54
C ASP C 45 6.03 26.78 14.51
N PHE C 46 6.86 25.77 14.68
CA PHE C 46 6.87 24.62 13.79
C PHE C 46 6.23 23.38 14.42
N LEU C 47 5.26 23.60 15.30
CA LEU C 47 4.47 22.53 15.90
C LEU C 47 2.97 22.79 15.68
N SER C 48 2.58 24.07 15.56
CA SER C 48 1.19 24.49 15.42
C SER C 48 0.29 23.88 16.49
N SER C 49 0.81 23.76 17.72
CA SER C 49 0.08 23.15 18.84
C SER C 49 -0.51 21.80 18.42
N TYR C 50 0.33 20.97 17.80
CA TYR C 50 -0.07 19.68 17.26
C TYR C 50 -1.17 19.84 16.20
N SER C 51 -0.95 20.78 15.29
N SER C 51 -0.94 20.79 15.29
CA SER C 51 -1.83 20.97 14.15
CA SER C 51 -1.80 21.03 14.15
C SER C 51 -3.22 21.45 14.56
C SER C 51 -3.21 21.46 14.55
N ALA C 52 -3.33 22.13 15.71
CA ALA C 52 -4.61 22.77 16.05
C ALA C 52 -4.69 24.23 15.61
N VAL C 53 -3.56 24.89 15.33
CA VAL C 53 -3.62 26.27 14.85
C VAL C 53 -3.14 26.31 13.40
N ASN C 54 -3.77 25.48 12.56
CA ASN C 54 -3.53 25.51 11.12
C ASN C 54 -3.70 26.93 10.56
N GLN C 55 -4.72 27.65 11.06
CA GLN C 55 -5.05 28.99 10.59
C GLN C 55 -4.14 30.07 11.15
N GLY C 56 -3.13 29.70 11.92
CA GLY C 56 -2.34 30.71 12.61
C GLY C 56 -2.89 31.04 13.97
N HIS C 57 -1.98 31.41 14.88
CA HIS C 57 -2.40 31.83 16.21
C HIS C 57 -3.27 33.07 16.12
N CYS C 58 -4.34 33.09 16.92
CA CYS C 58 -5.24 34.23 17.09
C CYS C 58 -5.69 34.83 15.75
N HIS C 59 -6.16 33.97 14.85
CA HIS C 59 -6.65 34.46 13.57
C HIS C 59 -7.79 35.44 13.83
N PRO C 60 -7.67 36.68 13.38
CA PRO C 60 -8.68 37.70 13.71
C PRO C 60 -10.08 37.32 13.27
N LYS C 61 -10.26 36.56 12.20
CA LYS C 61 -11.64 36.20 11.89
C LYS C 61 -12.26 35.24 12.92
N ILE C 62 -11.50 34.30 13.43
CA ILE C 62 -12.04 33.38 14.45
C ILE C 62 -12.18 34.12 15.78
N VAL C 63 -11.17 34.95 16.11
CA VAL C 63 -11.25 35.75 17.33
C VAL C 63 -12.53 36.58 17.35
N ASN C 64 -12.90 37.19 16.21
CA ASN C 64 -14.09 38.05 16.18
C ASN C 64 -15.38 37.27 16.24
N ALA C 65 -15.41 36.04 15.69
CA ALA C 65 -16.60 35.22 15.87
C ALA C 65 -16.82 34.89 17.34
N LEU C 66 -15.73 34.61 18.05
CA LEU C 66 -15.86 34.30 19.46
C LEU C 66 -16.30 35.52 20.25
N LYS C 67 -15.73 36.70 19.92
CA LYS C 67 -16.06 37.90 20.67
C LYS C 67 -17.51 38.30 20.49
N SER C 68 -18.08 38.11 19.30
CA SER C 68 -19.47 38.53 19.16
C SER C 68 -20.40 37.57 19.90
N GLN C 69 -20.12 36.27 19.84
CA GLN C 69 -21.01 35.30 20.45
C GLN C 69 -20.88 35.31 21.98
N VAL C 70 -19.68 35.57 22.51
CA VAL C 70 -19.51 35.47 23.96
C VAL C 70 -20.40 36.47 24.69
N ASP C 71 -20.81 37.56 24.00
CA ASP C 71 -21.71 38.53 24.60
C ASP C 71 -23.14 38.06 24.61
N LYS C 72 -23.51 37.08 23.81
CA LYS C 72 -24.96 36.77 23.76
C LYS C 72 -25.33 35.53 24.56
N LEU C 73 -24.63 34.44 24.31
CA LEU C 73 -24.99 33.13 24.85
C LEU C 73 -23.86 32.14 24.59
N THR C 74 -23.43 31.41 25.62
CA THR C 74 -22.33 30.48 25.43
C THR C 74 -22.66 29.03 25.69
N LEU C 75 -23.66 28.72 26.51
CA LEU C 75 -23.99 27.35 26.88
C LEU C 75 -25.42 27.30 27.38
N THR C 76 -26.26 26.58 26.66
CA THR C 76 -27.58 26.19 27.17
C THR C 76 -27.59 24.78 27.73
N SER C 77 -26.57 23.97 27.38
CA SER C 77 -26.63 22.52 27.46
C SER C 77 -27.63 22.02 26.42
N ARG C 78 -27.59 20.72 26.16
CA ARG C 78 -28.46 20.11 25.18
C ARG C 78 -29.85 19.78 25.70
N ALA C 79 -30.17 20.15 26.94
CA ALA C 79 -31.54 20.05 27.40
C ALA C 79 -32.49 20.96 26.62
N PHE C 80 -31.98 22.01 25.97
CA PHE C 80 -32.78 22.94 25.17
C PHE C 80 -32.10 23.12 23.81
N TYR C 81 -32.78 23.77 22.88
CA TYR C 81 -32.11 24.13 21.64
C TYR C 81 -31.48 25.52 21.77
N ASN C 82 -30.35 25.71 21.10
CA ASN C 82 -29.82 27.05 20.83
C ASN C 82 -29.90 27.33 19.33
N ASN C 83 -29.75 28.59 18.93
CA ASN C 83 -29.98 28.95 17.54
C ASN C 83 -28.76 28.76 16.66
N VAL C 84 -27.63 28.37 17.24
CA VAL C 84 -26.39 28.32 16.48
C VAL C 84 -26.09 26.90 16.00
N LEU C 85 -26.44 25.90 16.82
CA LEU C 85 -25.97 24.54 16.53
C LEU C 85 -26.39 24.07 15.14
N GLY C 86 -27.66 24.23 14.79
CA GLY C 86 -28.16 23.69 13.52
C GLY C 86 -27.58 24.38 12.31
N GLU C 87 -27.27 25.67 12.45
CA GLU C 87 -26.55 26.42 11.43
C GLU C 87 -25.17 25.84 11.18
N TYR C 88 -24.45 25.56 12.27
CA TYR C 88 -23.15 24.88 12.15
C TYR C 88 -23.31 23.48 11.57
N GLU C 89 -24.32 22.72 12.03
CA GLU C 89 -24.54 21.37 11.51
C GLU C 89 -24.83 21.38 10.01
N GLU C 90 -25.78 22.21 9.56
CA GLU C 90 -26.01 22.33 8.11
C GLU C 90 -24.73 22.62 7.35
N TYR C 91 -23.92 23.57 7.86
CA TYR C 91 -22.72 23.99 7.16
C TYR C 91 -21.69 22.86 7.04
N ILE C 92 -21.39 22.20 8.16
CA ILE C 92 -20.30 21.22 8.11
C ILE C 92 -20.74 19.95 7.37
N THR C 93 -22.00 19.54 7.48
CA THR C 93 -22.41 18.32 6.77
C THR C 93 -22.42 18.54 5.25
N LYS C 94 -22.81 19.74 4.81
CA LYS C 94 -22.77 20.02 3.37
C LYS C 94 -21.33 20.19 2.89
N LEU C 95 -20.49 20.78 3.71
CA LEU C 95 -19.10 20.94 3.35
C LEU C 95 -18.41 19.61 3.07
N PHE C 96 -18.57 18.63 3.98
CA PHE C 96 -17.92 17.34 3.79
C PHE C 96 -18.83 16.30 3.11
N ASN C 97 -20.09 16.64 2.87
CA ASN C 97 -21.04 15.77 2.15
C ASN C 97 -21.35 14.47 2.91
N TYR C 98 -21.82 14.62 4.14
CA TYR C 98 -22.40 13.53 4.93
C TYR C 98 -23.76 14.00 5.39
N HIS C 99 -24.63 13.04 5.75
CA HIS C 99 -25.96 13.42 6.22
C HIS C 99 -25.91 14.21 7.52
N LYS C 100 -25.08 13.77 8.48
CA LYS C 100 -25.24 14.28 9.84
C LYS C 100 -23.89 14.40 10.52
N VAL C 101 -23.86 15.24 11.56
CA VAL C 101 -22.69 15.37 12.41
C VAL C 101 -23.13 15.18 13.87
N LEU C 102 -22.25 14.59 14.67
CA LEU C 102 -22.47 14.55 16.11
C LEU C 102 -21.37 15.40 16.74
N PRO C 103 -21.71 16.49 17.42
CA PRO C 103 -20.65 17.37 17.96
C PRO C 103 -20.13 16.94 19.34
N MET C 104 -18.80 16.92 19.47
CA MET C 104 -18.15 16.76 20.77
C MET C 104 -17.12 17.84 21.02
N ASN C 105 -16.29 17.66 22.05
CA ASN C 105 -15.35 18.71 22.41
C ASN C 105 -13.92 18.34 22.08
N THR C 106 -13.45 17.15 22.45
CA THR C 106 -12.05 16.82 22.27
C THR C 106 -11.89 15.71 21.26
N GLY C 107 -10.66 15.54 20.79
CA GLY C 107 -10.39 14.50 19.80
C GLY C 107 -10.71 13.10 20.32
N VAL C 108 -10.37 12.82 21.57
CA VAL C 108 -10.60 11.45 22.03
C VAL C 108 -12.10 11.22 22.24
N GLU C 109 -12.84 12.25 22.63
CA GLU C 109 -14.30 12.10 22.72
C GLU C 109 -14.91 11.76 21.36
N ALA C 110 -14.40 12.38 20.28
CA ALA C 110 -14.87 11.99 18.94
C ALA C 110 -14.53 10.52 18.63
N GLY C 111 -13.34 10.08 18.99
CA GLY C 111 -13.00 8.67 18.74
C GLY C 111 -13.83 7.71 19.58
N GLU C 112 -14.14 8.10 20.82
CA GLU C 112 -15.02 7.27 21.64
C GLU C 112 -16.41 7.20 21.03
N THR C 113 -16.90 8.32 20.50
CA THR C 113 -18.19 8.35 19.82
C THR C 113 -18.20 7.45 18.61
N ALA C 114 -17.11 7.47 17.83
CA ALA C 114 -17.04 6.61 16.66
C ALA C 114 -17.06 5.12 17.04
N CYS C 115 -16.35 4.75 18.12
CA CYS C 115 -16.35 3.35 18.58
C CYS C 115 -17.74 2.94 19.04
N LYS C 116 -18.43 3.83 19.75
CA LYS C 116 -19.79 3.53 20.17
C LYS C 116 -20.73 3.41 18.98
N LEU C 117 -20.57 4.28 17.98
CA LEU C 117 -21.37 4.16 16.76
C LEU C 117 -21.11 2.83 16.06
N ALA C 118 -19.84 2.47 15.92
CA ALA C 118 -19.47 1.21 15.27
C ALA C 118 -20.10 0.01 15.96
N ARG C 119 -20.01 -0.01 17.30
CA ARG C 119 -20.56 -1.11 18.06
C ARG C 119 -22.08 -1.14 17.95
N LYS C 120 -22.73 0.00 18.16
CA LYS C 120 -24.18 0.05 18.09
C LYS C 120 -24.71 -0.32 16.71
N TRP C 121 -24.06 0.19 15.66
CA TRP C 121 -24.40 -0.21 14.30
C TRP C 121 -24.15 -1.71 14.11
N GLY C 122 -22.99 -2.17 14.58
CA GLY C 122 -22.64 -3.58 14.45
C GLY C 122 -23.69 -4.51 15.03
N TYR C 123 -24.24 -4.15 16.20
CA TYR C 123 -25.23 -4.97 16.88
C TYR C 123 -26.64 -4.77 16.33
N THR C 124 -27.02 -3.53 16.00
CA THR C 124 -28.40 -3.28 15.65
C THR C 124 -28.67 -3.29 14.14
N VAL C 125 -27.65 -3.22 13.29
CA VAL C 125 -27.82 -3.17 11.85
C VAL C 125 -27.15 -4.35 11.18
N LYS C 126 -25.87 -4.53 11.44
CA LYS C 126 -25.19 -5.73 10.95
C LYS C 126 -25.69 -7.00 11.67
N GLY C 127 -26.15 -6.90 12.91
CA GLY C 127 -26.63 -8.08 13.63
C GLY C 127 -25.58 -8.91 14.37
N ILE C 128 -24.38 -8.35 14.60
CA ILE C 128 -23.34 -9.06 15.35
C ILE C 128 -23.85 -9.47 16.73
N GLN C 129 -23.43 -10.65 17.19
CA GLN C 129 -23.90 -11.12 18.49
C GLN C 129 -23.40 -10.20 19.61
N LYS C 130 -24.32 -9.83 20.52
CA LYS C 130 -24.01 -8.89 21.60
C LYS C 130 -23.04 -9.39 22.66
N TYR C 131 -21.82 -9.04 22.37
CA TYR C 131 -20.92 -8.00 22.86
C TYR C 131 -19.62 -8.59 22.36
N LYS C 132 -19.75 -9.16 21.19
CA LYS C 132 -18.65 -9.81 20.46
C LYS C 132 -18.10 -8.89 19.36
N ALA C 133 -18.66 -7.68 19.21
CA ALA C 133 -18.22 -6.81 18.11
C ALA C 133 -16.77 -6.42 18.33
N LYS C 134 -15.98 -6.41 17.26
CA LYS C 134 -14.57 -6.06 17.29
C LYS C 134 -14.33 -4.80 16.46
N ILE C 135 -13.30 -4.04 16.87
CA ILE C 135 -12.81 -2.90 16.09
C ILE C 135 -11.33 -3.13 15.87
N VAL C 136 -10.91 -3.02 14.62
CA VAL C 136 -9.54 -3.26 14.24
C VAL C 136 -8.82 -1.91 14.20
N PHE C 137 -7.58 -1.88 14.66
CA PHE C 137 -6.74 -0.69 14.69
C PHE C 137 -5.39 -1.05 14.09
N ALA C 138 -4.66 -0.03 13.64
CA ALA C 138 -3.30 -0.24 13.15
C ALA C 138 -2.31 0.01 14.28
N ALA C 139 -1.27 -0.82 14.35
CA ALA C 139 -0.17 -0.58 15.27
C ALA C 139 0.41 0.81 15.04
N GLY C 140 0.84 1.46 16.12
CA GLY C 140 1.27 2.84 16.05
C GLY C 140 0.16 3.86 16.16
N ASN C 141 -1.10 3.44 16.18
CA ASN C 141 -2.20 4.39 16.28
C ASN C 141 -2.12 5.21 17.56
N PHE C 142 -2.63 6.44 17.46
CA PHE C 142 -2.84 7.29 18.63
C PHE C 142 -4.14 8.05 18.42
N TRP C 143 -5.12 7.83 19.29
CA TRP C 143 -6.33 8.63 19.20
C TRP C 143 -6.79 9.17 20.54
N GLY C 144 -5.93 9.22 21.56
CA GLY C 144 -6.23 9.91 22.80
C GLY C 144 -5.75 9.14 24.03
N ARG C 145 -6.21 9.57 25.21
N ARG C 145 -6.22 9.57 25.20
CA ARG C 145 -5.68 9.08 26.48
CA ARG C 145 -5.68 9.07 26.46
C ARG C 145 -6.73 8.40 27.35
C ARG C 145 -6.72 8.43 27.36
N THR C 146 -7.96 8.22 26.87
CA THR C 146 -8.94 7.49 27.70
C THR C 146 -8.49 6.05 27.85
N LEU C 147 -9.15 5.33 28.77
CA LEU C 147 -8.84 3.90 28.97
C LEU C 147 -9.03 3.12 27.68
N SER C 148 -10.06 3.46 26.91
CA SER C 148 -10.29 2.81 25.61
C SER C 148 -9.18 3.14 24.63
N ALA C 149 -8.84 4.43 24.49
CA ALA C 149 -7.83 4.77 23.50
C ALA C 149 -6.50 4.10 23.81
N ILE C 150 -6.13 3.97 25.10
CA ILE C 150 -4.82 3.38 25.33
C ILE C 150 -4.88 1.87 25.20
N SER C 151 -6.08 1.31 25.24
CA SER C 151 -6.24 -0.13 25.06
C SER C 151 -5.90 -0.57 23.63
N SER C 152 -6.07 0.31 22.64
CA SER C 152 -5.72 -0.06 21.26
C SER C 152 -4.29 0.34 20.91
N SER C 153 -3.60 1.02 21.82
CA SER C 153 -2.26 1.50 21.56
C SER C 153 -1.25 0.35 21.65
N THR C 154 -0.19 0.45 20.83
CA THR C 154 0.98 -0.40 20.95
C THR C 154 2.18 0.34 21.54
N ASP C 155 1.96 1.54 22.06
CA ASP C 155 3.01 2.33 22.65
C ASP C 155 2.98 2.09 24.16
N PRO C 156 3.97 1.40 24.74
CA PRO C 156 3.98 1.18 26.20
C PRO C 156 3.81 2.43 27.05
N THR C 157 4.39 3.56 26.66
CA THR C 157 4.23 4.76 27.50
C THR C 157 2.76 5.18 27.60
N SER C 158 1.93 4.82 26.61
CA SER C 158 0.50 5.08 26.67
C SER C 158 -0.26 4.15 27.62
N TYR C 159 0.04 2.84 27.59
CA TYR C 159 -0.83 1.90 28.29
C TYR C 159 -0.22 1.26 29.53
N ASP C 160 1.11 1.29 29.69
CA ASP C 160 1.76 0.54 30.77
C ASP C 160 1.33 1.09 32.13
N GLY C 161 0.84 0.20 33.00
CA GLY C 161 0.38 0.59 34.32
C GLY C 161 -1.00 1.19 34.38
N PHE C 162 -1.78 1.14 33.29
CA PHE C 162 -3.12 1.71 33.28
C PHE C 162 -4.24 0.70 33.00
N GLY C 163 -3.94 -0.57 32.86
CA GLY C 163 -5.05 -1.48 32.65
C GLY C 163 -5.61 -2.09 33.92
N PRO C 164 -6.76 -2.77 33.78
CA PRO C 164 -6.90 -3.85 32.80
C PRO C 164 -7.51 -3.16 31.57
N PHE C 165 -7.45 -3.75 30.39
CA PHE C 165 -7.74 -3.00 29.17
C PHE C 165 -9.09 -3.38 28.55
N MET C 166 -9.65 -2.42 27.80
CA MET C 166 -10.89 -2.61 27.04
C MET C 166 -10.81 -3.81 26.09
N PRO C 167 -11.67 -4.82 26.23
CA PRO C 167 -11.67 -5.92 25.26
C PRO C 167 -12.30 -5.47 23.95
N GLY C 168 -12.16 -6.31 22.94
CA GLY C 168 -12.87 -6.08 21.69
C GLY C 168 -12.12 -5.28 20.65
N PHE C 169 -10.82 -5.04 20.85
CA PHE C 169 -9.97 -4.34 19.90
C PHE C 169 -8.94 -5.32 19.34
N ASP C 170 -8.75 -5.29 18.03
CA ASP C 170 -7.73 -6.09 17.36
C ASP C 170 -6.72 -5.10 16.79
N ILE C 171 -5.46 -5.51 16.71
CA ILE C 171 -4.38 -4.64 16.22
C ILE C 171 -3.64 -5.36 15.11
N ILE C 172 -3.47 -4.70 13.96
CA ILE C 172 -2.73 -5.23 12.82
C ILE C 172 -1.63 -4.22 12.46
N PRO C 173 -0.63 -4.62 11.68
CA PRO C 173 0.34 -3.64 11.18
C PRO C 173 -0.33 -2.57 10.34
N TYR C 174 0.23 -1.35 10.39
CA TYR C 174 -0.15 -0.27 9.50
C TYR C 174 0.36 -0.51 8.08
N ASN C 175 -0.31 0.11 7.10
CA ASN C 175 0.19 0.09 5.71
C ASN C 175 0.34 -1.35 5.19
N ASP C 176 -0.65 -2.21 5.51
CA ASP C 176 -0.52 -3.66 5.30
C ASP C 176 -1.92 -4.19 4.96
N LEU C 177 -2.24 -4.23 3.65
CA LEU C 177 -3.55 -4.66 3.17
C LEU C 177 -3.78 -6.16 3.34
N PRO C 178 -2.79 -7.03 3.09
CA PRO C 178 -3.00 -8.46 3.40
C PRO C 178 -3.35 -8.69 4.85
N ALA C 179 -2.77 -7.92 5.78
CA ALA C 179 -3.13 -8.10 7.19
C ALA C 179 -4.54 -7.62 7.48
N LEU C 180 -4.99 -6.57 6.80
CA LEU C 180 -6.37 -6.16 6.98
C LEU C 180 -7.32 -7.20 6.39
N GLU C 181 -6.96 -7.76 5.24
CA GLU C 181 -7.77 -8.82 4.65
C GLU C 181 -7.91 -10.00 5.59
N ARG C 182 -6.79 -10.43 6.18
CA ARG C 182 -6.83 -11.53 7.14
C ARG C 182 -7.68 -11.16 8.36
N ALA C 183 -7.56 -9.93 8.85
CA ALA C 183 -8.33 -9.55 10.05
C ALA C 183 -9.82 -9.50 9.76
N LEU C 184 -10.22 -9.10 8.54
CA LEU C 184 -11.64 -8.93 8.27
C LEU C 184 -12.35 -10.26 8.00
N GLN C 185 -11.64 -11.38 8.06
CA GLN C 185 -12.32 -12.67 7.96
C GLN C 185 -13.23 -12.91 9.16
N ASP C 186 -13.01 -12.23 10.27
CA ASP C 186 -13.84 -12.40 11.47
C ASP C 186 -15.16 -11.68 11.25
N PRO C 187 -16.29 -12.40 11.19
CA PRO C 187 -17.57 -11.74 10.94
C PRO C 187 -18.01 -10.84 12.07
N ASN C 188 -17.33 -10.86 13.21
CA ASN C 188 -17.72 -9.98 14.30
C ASN C 188 -17.02 -8.61 14.23
N VAL C 189 -16.20 -8.37 13.20
CA VAL C 189 -15.59 -7.05 13.07
C VAL C 189 -16.65 -6.07 12.60
N ALA C 190 -16.85 -5.00 13.37
CA ALA C 190 -17.78 -3.95 13.00
C ALA C 190 -17.07 -2.81 12.25
N ALA C 191 -15.81 -2.52 12.56
CA ALA C 191 -15.17 -1.35 11.97
C ALA C 191 -13.65 -1.53 11.95
N PHE C 192 -13.01 -0.75 11.07
CA PHE C 192 -11.57 -0.55 11.05
C PHE C 192 -11.33 0.95 11.19
N MET C 193 -10.55 1.35 12.21
CA MET C 193 -10.29 2.75 12.49
C MET C 193 -8.82 3.02 12.21
N VAL C 194 -8.54 4.08 11.44
CA VAL C 194 -7.19 4.25 10.93
C VAL C 194 -6.96 5.73 10.60
N GLU C 195 -5.73 6.19 10.83
CA GLU C 195 -5.29 7.54 10.45
C GLU C 195 -4.71 7.50 9.03
N PRO C 196 -5.08 8.43 8.17
CA PRO C 196 -4.47 8.45 6.83
C PRO C 196 -2.95 8.66 6.86
N ILE C 197 -2.44 9.35 7.88
CA ILE C 197 -1.01 9.41 8.19
C ILE C 197 -0.92 9.33 9.71
N GLN C 198 0.01 8.50 10.22
CA GLN C 198 0.15 8.35 11.66
C GLN C 198 1.05 9.45 12.16
N GLY C 199 0.48 10.40 12.91
CA GLY C 199 1.24 11.51 13.46
C GLY C 199 2.11 11.16 14.65
N GLU C 200 1.51 10.66 15.72
CA GLU C 200 2.28 10.33 16.92
C GLU C 200 3.40 9.36 16.62
N ALA C 201 3.18 8.42 15.71
CA ALA C 201 4.19 7.42 15.43
C ALA C 201 5.39 7.98 14.67
N GLY C 202 5.43 9.28 14.37
CA GLY C 202 6.55 9.86 13.64
C GLY C 202 6.25 10.21 12.18
N VAL C 203 5.03 10.66 11.91
CA VAL C 203 4.52 11.00 10.57
C VAL C 203 4.76 9.85 9.60
N VAL C 204 4.03 8.75 9.78
CA VAL C 204 4.22 7.55 8.97
C VAL C 204 3.21 7.61 7.83
N VAL C 205 3.70 7.77 6.61
CA VAL C 205 2.86 7.91 5.42
C VAL C 205 2.74 6.53 4.77
N PRO C 206 1.53 6.03 4.54
CA PRO C 206 1.39 4.71 3.93
C PRO C 206 1.62 4.82 2.42
N ASP C 207 1.84 3.65 1.80
CA ASP C 207 2.13 3.61 0.36
C ASP C 207 0.92 4.05 -0.45
N PRO C 208 1.13 4.57 -1.66
CA PRO C 208 -0.01 4.89 -2.53
C PRO C 208 -0.83 3.64 -2.79
N GLY C 209 -2.15 3.80 -2.74
CA GLY C 209 -3.07 2.69 -2.89
C GLY C 209 -3.60 2.12 -1.57
N TYR C 210 -2.95 2.43 -0.45
CA TYR C 210 -3.39 1.85 0.82
C TYR C 210 -4.82 2.24 1.16
N LEU C 211 -5.11 3.54 1.17
CA LEU C 211 -6.44 3.98 1.52
C LEU C 211 -7.49 3.46 0.54
N MET C 212 -7.16 3.34 -0.76
CA MET C 212 -8.10 2.67 -1.66
C MET C 212 -8.36 1.23 -1.31
N GLY C 213 -7.31 0.48 -0.98
CA GLY C 213 -7.52 -0.91 -0.60
C GLY C 213 -8.31 -1.04 0.70
N VAL C 214 -8.07 -0.15 1.65
CA VAL C 214 -8.88 -0.16 2.86
C VAL C 214 -10.34 0.01 2.52
N ARG C 215 -10.65 1.04 1.71
CA ARG C 215 -12.04 1.29 1.35
C ARG C 215 -12.64 0.08 0.66
N GLU C 216 -11.90 -0.54 -0.27
CA GLU C 216 -12.38 -1.72 -0.98
C GLU C 216 -12.65 -2.87 -0.02
N LEU C 217 -11.69 -3.16 0.86
CA LEU C 217 -11.84 -4.29 1.78
C LEU C 217 -12.98 -4.04 2.75
N CYS C 218 -13.10 -2.81 3.30
CA CYS C 218 -14.17 -2.55 4.26
C CYS C 218 -15.54 -2.73 3.58
N THR C 219 -15.66 -2.25 2.35
CA THR C 219 -16.92 -2.41 1.61
C THR C 219 -17.23 -3.88 1.36
N ARG C 220 -16.25 -4.62 0.87
CA ARG C 220 -16.44 -6.05 0.56
C ARG C 220 -16.90 -6.84 1.78
N HIS C 221 -16.43 -6.50 2.97
CA HIS C 221 -16.78 -7.25 4.16
C HIS C 221 -17.87 -6.61 5.00
N GLN C 222 -18.45 -5.49 4.53
CA GLN C 222 -19.55 -4.83 5.25
C GLN C 222 -19.12 -4.40 6.65
N VAL C 223 -17.98 -3.71 6.69
CA VAL C 223 -17.33 -3.20 7.90
C VAL C 223 -17.18 -1.69 7.73
N LEU C 224 -17.38 -0.94 8.82
CA LEU C 224 -17.25 0.52 8.70
C LEU C 224 -15.79 0.93 8.58
N PHE C 225 -15.51 1.76 7.59
CA PHE C 225 -14.29 2.55 7.53
C PHE C 225 -14.34 3.89 8.25
N ILE C 226 -13.65 3.93 9.38
CA ILE C 226 -13.52 5.12 10.21
C ILE C 226 -12.14 5.74 9.97
N ALA C 227 -12.13 6.98 9.49
CA ALA C 227 -10.90 7.72 9.21
C ALA C 227 -10.75 8.77 10.30
N ASP C 228 -9.69 8.64 11.08
CA ASP C 228 -9.34 9.63 12.09
C ASP C 228 -8.56 10.74 11.40
N GLU C 229 -9.25 11.81 11.03
CA GLU C 229 -8.63 12.99 10.43
C GLU C 229 -8.44 14.12 11.43
N ILE C 230 -8.38 13.78 12.72
CA ILE C 230 -8.28 14.81 13.75
C ILE C 230 -6.97 15.57 13.61
N GLN C 231 -5.90 14.87 13.26
CA GLN C 231 -4.66 15.58 13.04
C GLN C 231 -4.47 15.97 11.57
N THR C 232 -4.80 15.04 10.65
CA THR C 232 -4.45 15.20 9.24
C THR C 232 -5.47 16.01 8.42
N GLY C 233 -6.65 16.27 8.95
CA GLY C 233 -7.69 16.95 8.20
C GLY C 233 -7.47 18.46 8.10
N LEU C 234 -8.44 19.12 7.48
CA LEU C 234 -8.55 20.58 7.53
C LEU C 234 -7.26 21.25 7.01
N ALA C 235 -6.83 20.83 5.83
CA ALA C 235 -5.81 21.42 4.97
C ALA C 235 -4.38 21.08 5.40
N ARG C 236 -4.17 20.50 6.61
CA ARG C 236 -2.82 20.27 7.12
C ARG C 236 -1.96 19.50 6.13
N THR C 237 -2.52 18.47 5.49
CA THR C 237 -1.75 17.65 4.57
C THR C 237 -1.88 18.10 3.12
N GLY C 238 -2.64 19.16 2.87
CA GLY C 238 -2.84 19.67 1.52
C GLY C 238 -4.20 19.39 0.94
N ARG C 239 -5.14 18.89 1.75
CA ARG C 239 -6.51 18.61 1.31
C ARG C 239 -7.46 18.89 2.47
N TRP C 240 -8.74 19.07 2.16
CA TRP C 240 -9.72 19.13 3.23
C TRP C 240 -9.63 17.90 4.13
N LEU C 241 -9.33 16.74 3.56
CA LEU C 241 -9.11 15.49 4.30
C LEU C 241 -7.99 14.73 3.62
N ALA C 242 -7.14 14.12 4.41
CA ALA C 242 -6.02 13.41 3.81
C ALA C 242 -6.49 12.25 2.95
N VAL C 243 -7.68 11.69 3.24
CA VAL C 243 -8.18 10.61 2.40
C VAL C 243 -8.54 11.12 1.01
N ASP C 244 -8.65 12.45 0.82
CA ASP C 244 -8.93 12.98 -0.50
C ASP C 244 -7.77 12.71 -1.47
N TYR C 245 -6.55 12.46 -0.97
CA TYR C 245 -5.45 12.14 -1.88
C TYR C 245 -5.73 10.87 -2.68
N GLU C 246 -6.56 9.97 -2.13
CA GLU C 246 -6.95 8.79 -2.88
C GLU C 246 -8.44 8.79 -3.19
N ASN C 247 -9.14 9.89 -2.92
CA ASN C 247 -10.56 10.09 -3.24
C ASN C 247 -11.43 8.93 -2.74
N VAL C 248 -11.22 8.54 -1.48
CA VAL C 248 -12.08 7.52 -0.89
C VAL C 248 -12.98 8.17 0.14
N ARG C 249 -14.20 7.63 0.25
CA ARG C 249 -15.16 8.16 1.21
C ARG C 249 -15.29 7.23 2.42
N PRO C 250 -14.74 7.59 3.58
CA PRO C 250 -14.93 6.76 4.79
C PRO C 250 -16.40 6.77 5.22
N ASP C 251 -16.78 5.71 5.95
CA ASP C 251 -18.11 5.69 6.53
C ASP C 251 -18.25 6.70 7.65
N ILE C 252 -17.17 6.90 8.41
CA ILE C 252 -17.14 7.82 9.55
C ILE C 252 -15.88 8.66 9.44
N VAL C 253 -16.00 9.97 9.61
CA VAL C 253 -14.86 10.87 9.60
C VAL C 253 -14.80 11.55 10.96
N LEU C 254 -13.61 11.62 11.55
CA LEU C 254 -13.39 12.30 12.81
C LEU C 254 -12.61 13.60 12.53
N LEU C 255 -13.12 14.73 13.03
CA LEU C 255 -12.41 16.01 13.01
C LEU C 255 -12.21 16.55 14.41
N GLY C 256 -11.12 17.28 14.61
CA GLY C 256 -10.85 17.96 15.86
C GLY C 256 -9.82 19.08 15.64
N LYS C 257 -9.00 19.32 16.68
CA LYS C 257 -7.87 20.25 16.72
C LYS C 257 -8.19 21.54 15.96
N ALA C 258 -7.72 21.64 14.71
CA ALA C 258 -7.89 22.85 13.89
C ALA C 258 -9.33 23.17 13.56
N LEU C 259 -10.28 22.31 13.92
CA LEU C 259 -11.69 22.67 13.71
C LEU C 259 -12.07 23.99 14.38
N SER C 260 -11.31 24.45 15.37
CA SER C 260 -11.62 25.73 16.02
C SER C 260 -10.51 26.78 15.83
N GLY C 261 -9.47 26.48 15.04
CA GLY C 261 -8.30 27.34 15.00
C GLY C 261 -7.61 27.56 16.34
N GLY C 262 -7.82 26.67 17.31
CA GLY C 262 -7.14 26.77 18.59
C GLY C 262 -7.84 27.62 19.61
N LEU C 263 -9.05 28.09 19.32
CA LEU C 263 -9.75 28.99 20.24
C LEU C 263 -10.76 28.28 21.13
N TYR C 264 -11.02 26.99 20.89
CA TYR C 264 -12.09 26.32 21.61
C TYR C 264 -11.97 24.82 21.33
N PRO C 265 -12.14 23.93 22.34
CA PRO C 265 -12.07 22.48 22.02
C PRO C 265 -13.35 22.06 21.31
N VAL C 266 -13.26 21.86 20.00
CA VAL C 266 -14.41 21.41 19.21
C VAL C 266 -14.00 20.19 18.42
N SER C 267 -14.84 19.16 18.42
CA SER C 267 -14.57 17.99 17.60
C SER C 267 -15.88 17.55 16.97
N ALA C 268 -15.77 16.70 15.94
CA ALA C 268 -16.97 16.31 15.23
C ALA C 268 -16.88 14.87 14.72
N VAL C 269 -18.05 14.23 14.62
CA VAL C 269 -18.17 12.90 14.02
C VAL C 269 -19.17 13.02 12.89
N LEU C 270 -18.74 12.71 11.67
CA LEU C 270 -19.56 12.83 10.46
C LEU C 270 -19.86 11.44 9.93
N CYS C 271 -21.12 11.19 9.58
CA CYS C 271 -21.48 9.93 8.91
C CYS C 271 -22.93 10.04 8.44
N ASP C 272 -23.34 9.04 7.66
CA ASP C 272 -24.66 9.04 7.07
C ASP C 272 -25.72 8.49 8.04
N ASP C 273 -26.98 8.66 7.63
CA ASP C 273 -28.12 8.36 8.50
C ASP C 273 -28.15 6.90 8.94
N ASP C 274 -27.77 5.98 8.05
CA ASP C 274 -27.85 4.56 8.42
C ASP C 274 -26.93 4.17 9.57
N ILE C 275 -25.87 4.95 9.82
CA ILE C 275 -25.00 4.77 10.99
C ILE C 275 -25.41 5.67 12.15
N MET C 276 -25.56 6.98 11.90
CA MET C 276 -25.85 7.94 12.98
C MET C 276 -27.11 7.66 13.74
N LEU C 277 -28.18 7.28 13.07
CA LEU C 277 -29.43 7.15 13.78
C LEU C 277 -29.55 5.83 14.55
N THR C 278 -28.48 5.05 14.62
CA THR C 278 -28.51 3.91 15.54
C THR C 278 -28.42 4.36 16.98
N ILE C 279 -27.92 5.58 17.24
CA ILE C 279 -27.92 6.13 18.59
C ILE C 279 -29.20 6.93 18.79
N LYS C 280 -29.98 6.57 19.81
CA LYS C 280 -31.28 7.16 20.09
C LYS C 280 -31.15 8.23 21.16
N PRO C 281 -32.17 9.07 21.34
CA PRO C 281 -32.09 10.12 22.37
C PRO C 281 -31.84 9.52 23.76
N GLY C 282 -30.92 10.14 24.50
CA GLY C 282 -30.55 9.67 25.80
C GLY C 282 -29.36 8.73 25.82
N GLU C 283 -28.87 8.27 24.67
CA GLU C 283 -27.88 7.21 24.66
C GLU C 283 -26.44 7.70 24.49
N HIS C 284 -26.23 9.01 24.36
CA HIS C 284 -24.88 9.54 24.15
C HIS C 284 -24.94 11.05 24.25
N GLY C 285 -23.87 11.68 24.69
CA GLY C 285 -23.90 13.12 24.75
C GLY C 285 -22.68 13.67 25.48
N SER C 286 -22.77 14.96 25.80
CA SER C 286 -21.69 15.72 26.41
C SER C 286 -22.25 17.05 26.90
N THR C 287 -21.81 17.49 28.07
CA THR C 287 -22.32 18.75 28.60
C THR C 287 -22.08 19.88 27.62
N TYR C 288 -20.82 20.05 27.19
CA TYR C 288 -20.41 21.16 26.33
C TYR C 288 -20.53 20.88 24.84
N GLY C 289 -20.76 19.62 24.42
CA GLY C 289 -20.77 19.32 23.00
C GLY C 289 -21.90 20.03 22.27
N GLY C 290 -21.57 20.72 21.18
CA GLY C 290 -22.57 21.44 20.43
C GLY C 290 -22.94 22.81 20.99
N ASN C 291 -22.16 23.36 21.94
CA ASN C 291 -22.55 24.65 22.52
C ASN C 291 -22.43 25.80 21.50
N PRO C 292 -23.18 26.90 21.72
CA PRO C 292 -23.20 28.00 20.74
C PRO C 292 -21.86 28.64 20.51
N LEU C 293 -21.05 28.79 21.56
CA LEU C 293 -19.77 29.47 21.40
C LEU C 293 -18.85 28.67 20.50
N GLY C 294 -18.67 27.37 20.80
CA GLY C 294 -17.81 26.53 19.97
C GLY C 294 -18.30 26.44 18.52
N CYS C 295 -19.62 26.43 18.31
CA CYS C 295 -20.15 26.37 16.95
C CYS C 295 -19.82 27.63 16.16
N ARG C 296 -19.92 28.81 16.78
CA ARG C 296 -19.58 30.02 16.03
C ARG C 296 -18.11 30.04 15.67
N VAL C 297 -17.25 29.61 16.61
CA VAL C 297 -15.83 29.54 16.34
C VAL C 297 -15.55 28.57 15.20
N ALA C 298 -16.22 27.41 15.22
CA ALA C 298 -15.98 26.37 14.22
C ALA C 298 -16.40 26.84 12.82
N ILE C 299 -17.57 27.46 12.71
CA ILE C 299 -17.98 27.97 11.40
C ILE C 299 -16.91 28.92 10.86
N ALA C 300 -16.44 29.84 11.70
CA ALA C 300 -15.42 30.80 11.28
C ALA C 300 -14.12 30.11 10.93
N ALA C 301 -13.69 29.13 11.73
CA ALA C 301 -12.41 28.45 11.46
C ALA C 301 -12.45 27.69 10.14
N LEU C 302 -13.60 27.11 9.80
CA LEU C 302 -13.75 26.44 8.50
C LEU C 302 -13.71 27.47 7.38
N GLU C 303 -14.39 28.60 7.56
CA GLU C 303 -14.42 29.59 6.49
C GLU C 303 -13.02 30.13 6.19
N VAL C 304 -12.17 30.24 7.21
CA VAL C 304 -10.78 30.68 6.99
C VAL C 304 -10.04 29.73 6.06
N LEU C 305 -10.11 28.43 6.36
CA LEU C 305 -9.43 27.43 5.53
C LEU C 305 -9.86 27.53 4.08
N GLU C 306 -11.16 27.74 3.86
CA GLU C 306 -11.70 27.80 2.50
C GLU C 306 -11.31 29.10 1.80
N GLU C 307 -11.55 30.25 2.45
CA GLU C 307 -11.33 31.54 1.80
C GLU C 307 -9.86 31.83 1.53
N GLU C 308 -8.96 31.36 2.38
CA GLU C 308 -7.54 31.65 2.22
C GLU C 308 -6.80 30.54 1.48
N ASN C 309 -7.52 29.54 0.97
CA ASN C 309 -6.91 28.46 0.16
C ASN C 309 -5.73 27.81 0.88
N LEU C 310 -5.93 27.50 2.16
CA LEU C 310 -4.80 27.02 2.95
C LEU C 310 -4.32 25.65 2.51
N ALA C 311 -5.25 24.81 2.00
CA ALA C 311 -4.86 23.48 1.55
C ALA C 311 -3.88 23.55 0.38
N GLU C 312 -4.18 24.40 -0.63
CA GLU C 312 -3.27 24.58 -1.74
C GLU C 312 -1.93 25.12 -1.28
N ASN C 313 -1.93 26.04 -0.31
CA ASN C 313 -0.67 26.58 0.20
C ASN C 313 0.14 25.47 0.85
N ALA C 314 -0.51 24.64 1.68
CA ALA C 314 0.21 23.57 2.38
C ALA C 314 0.77 22.56 1.39
N ASP C 315 0.05 22.30 0.31
CA ASP C 315 0.55 21.36 -0.69
C ASP C 315 1.74 21.92 -1.47
N LYS C 316 1.63 23.16 -1.97
CA LYS C 316 2.76 23.75 -2.68
C LYS C 316 3.99 23.90 -1.77
N LEU C 317 3.81 24.41 -0.55
CA LEU C 317 4.98 24.66 0.31
C LEU C 317 5.54 23.38 0.93
N GLY C 318 4.71 22.39 1.22
CA GLY C 318 5.25 21.19 1.83
C GLY C 318 6.31 20.55 0.96
N ILE C 319 6.17 20.67 -0.37
CA ILE C 319 7.02 19.86 -1.19
C ILE C 319 8.38 20.60 -1.25
N ILE C 320 8.34 21.94 -1.08
CA ILE C 320 9.56 22.74 -0.94
C ILE C 320 10.29 22.35 0.33
N LEU C 321 9.57 22.30 1.45
CA LEU C 321 10.18 21.94 2.73
C LEU C 321 10.87 20.58 2.63
N ARG C 322 10.17 19.56 2.12
CA ARG C 322 10.77 18.24 2.08
C ARG C 322 11.97 18.19 1.12
N ASN C 323 11.87 18.84 -0.05
CA ASN C 323 12.98 18.78 -1.00
C ASN C 323 14.24 19.42 -0.40
N GLU C 324 14.06 20.50 0.36
CA GLU C 324 15.19 21.14 1.01
C GLU C 324 15.75 20.28 2.15
N LEU C 325 14.87 19.69 2.97
CA LEU C 325 15.37 18.80 4.02
C LEU C 325 16.14 17.62 3.43
N MET C 326 15.76 17.16 2.24
CA MET C 326 16.43 16.00 1.67
C MET C 326 17.83 16.30 1.16
N LYS C 327 18.27 17.55 1.20
CA LYS C 327 19.63 17.90 0.85
C LYS C 327 20.61 17.79 2.00
N LEU C 328 20.14 17.73 3.25
CA LEU C 328 21.04 17.51 4.37
C LEU C 328 21.81 16.20 4.19
N PRO C 329 23.05 16.14 4.69
CA PRO C 329 23.88 14.95 4.44
C PRO C 329 23.21 13.70 5.00
N SER C 330 23.16 12.66 4.17
CA SER C 330 22.32 11.51 4.47
C SER C 330 22.76 10.78 5.73
N ASP C 331 24.04 10.81 6.04
CA ASP C 331 24.55 10.21 7.25
C ASP C 331 24.26 11.06 8.50
N VAL C 332 23.45 12.11 8.36
CA VAL C 332 23.04 12.95 9.48
C VAL C 332 21.53 12.96 9.63
N VAL C 333 20.81 13.18 8.54
CA VAL C 333 19.36 13.01 8.47
C VAL C 333 19.09 11.78 7.62
N THR C 334 18.52 10.75 8.23
CA THR C 334 18.42 9.47 7.52
C THR C 334 17.07 9.28 6.83
N ALA C 335 16.08 10.11 7.12
CA ALA C 335 14.82 10.04 6.38
C ALA C 335 14.10 11.37 6.51
N VAL C 336 13.38 11.72 5.44
CA VAL C 336 12.46 12.84 5.41
C VAL C 336 11.12 12.33 4.91
N ARG C 337 10.04 12.62 5.64
CA ARG C 337 8.73 12.19 5.15
C ARG C 337 7.65 13.19 5.50
N GLY C 338 6.52 13.06 4.81
CA GLY C 338 5.32 13.80 5.16
C GLY C 338 4.47 14.09 3.93
N LYS C 339 3.35 14.79 4.18
CA LYS C 339 2.48 15.31 3.14
C LYS C 339 2.03 16.70 3.52
N GLY C 340 1.92 17.58 2.53
CA GLY C 340 1.56 18.97 2.82
C GLY C 340 2.54 19.53 3.83
N LEU C 341 2.02 20.18 4.86
CA LEU C 341 2.84 20.74 5.93
C LEU C 341 2.80 19.88 7.20
N LEU C 342 2.68 18.56 7.04
CA LEU C 342 2.89 17.59 8.13
C LEU C 342 4.13 16.79 7.75
N ASN C 343 5.27 17.10 8.36
CA ASN C 343 6.53 16.50 7.93
C ASN C 343 7.33 16.09 9.15
N ALA C 344 8.32 15.22 8.89
CA ALA C 344 9.26 14.85 9.94
C ALA C 344 10.59 14.47 9.32
N ILE C 345 11.64 14.60 10.11
CA ILE C 345 12.92 14.04 9.74
C ILE C 345 13.33 13.02 10.79
N VAL C 346 14.17 12.07 10.38
CA VAL C 346 14.75 11.08 11.28
C VAL C 346 16.25 11.37 11.42
N ILE C 347 16.67 11.61 12.66
CA ILE C 347 18.06 11.90 13.04
C ILE C 347 18.84 10.61 13.21
N LYS C 348 20.08 10.57 12.72
CA LYS C 348 20.99 9.46 13.06
C LYS C 348 21.48 9.66 14.49
N GLU C 349 20.66 9.19 15.43
CA GLU C 349 20.90 9.40 16.85
C GLU C 349 22.12 8.61 17.32
N THR C 350 23.17 9.33 17.71
CA THR C 350 24.23 8.74 18.50
C THR C 350 23.93 9.05 19.95
N LYS C 351 24.98 9.31 20.74
CA LYS C 351 24.83 10.13 21.94
C LYS C 351 25.91 11.20 22.00
N ASP C 352 26.56 11.46 20.86
CA ASP C 352 27.06 12.80 20.57
C ASP C 352 25.91 13.81 20.46
N TRP C 353 24.70 13.34 20.12
CA TRP C 353 23.58 14.23 19.81
C TRP C 353 22.32 13.38 19.59
N ASP C 354 21.18 13.93 19.99
CA ASP C 354 19.88 13.28 19.81
C ASP C 354 18.86 14.36 19.49
N ALA C 355 17.60 13.94 19.28
CA ALA C 355 16.58 14.85 18.78
C ALA C 355 16.26 15.96 19.78
N TRP C 356 16.34 15.66 21.08
CA TRP C 356 16.08 16.70 22.09
C TRP C 356 17.10 17.82 22.00
N LYS C 357 18.39 17.48 21.91
CA LYS C 357 19.42 18.50 21.81
C LYS C 357 19.25 19.34 20.55
N VAL C 358 18.91 18.71 19.42
CA VAL C 358 18.62 19.47 18.20
C VAL C 358 17.50 20.47 18.44
N CYS C 359 16.46 20.03 19.14
CA CYS C 359 15.31 20.92 19.34
C CYS C 359 15.66 22.06 20.29
N LEU C 360 16.48 21.78 21.30
CA LEU C 360 16.99 22.85 22.17
C LEU C 360 17.74 23.90 21.35
N ARG C 361 18.58 23.48 20.39
CA ARG C 361 19.36 24.43 19.61
C ARG C 361 18.52 25.12 18.55
N LEU C 362 17.49 24.44 18.02
CA LEU C 362 16.54 25.12 17.14
C LEU C 362 15.84 26.24 17.89
N ARG C 363 15.42 25.96 19.13
CA ARG C 363 14.83 26.99 19.97
C ARG C 363 15.77 28.18 20.10
N ASP C 364 17.05 27.91 20.36
CA ASP C 364 18.02 28.98 20.50
C ASP C 364 18.12 29.83 19.25
N ASN C 365 17.89 29.23 18.08
CA ASN C 365 18.00 29.91 16.79
C ASN C 365 16.67 30.43 16.26
N GLY C 366 15.62 30.42 17.07
CA GLY C 366 14.37 31.08 16.72
C GLY C 366 13.28 30.22 16.11
N LEU C 367 13.29 28.90 16.32
CA LEU C 367 12.30 28.02 15.72
C LEU C 367 11.91 26.91 16.72
N LEU C 368 10.62 26.72 16.92
CA LEU C 368 10.12 25.81 17.95
C LEU C 368 9.61 24.50 17.33
N ALA C 369 10.22 23.39 17.74
CA ALA C 369 9.73 22.08 17.32
C ALA C 369 9.89 21.15 18.51
N LYS C 370 9.28 19.97 18.44
CA LYS C 370 9.49 19.04 19.54
C LYS C 370 9.69 17.64 18.97
N PRO C 371 10.56 16.85 19.58
CA PRO C 371 10.74 15.47 19.11
C PRO C 371 9.64 14.57 19.64
N THR C 372 9.42 13.47 18.91
CA THR C 372 8.38 12.51 19.24
C THR C 372 8.92 11.23 19.87
N HIS C 373 10.21 10.91 19.70
CA HIS C 373 10.70 9.61 20.17
C HIS C 373 12.22 9.53 20.29
N GLY C 374 12.90 10.66 20.52
CA GLY C 374 14.34 10.67 20.68
C GLY C 374 15.16 10.68 19.39
N ASP C 375 14.54 10.43 18.22
CA ASP C 375 15.25 10.55 16.95
C ASP C 375 14.39 11.12 15.82
N ILE C 376 13.13 11.47 16.08
CA ILE C 376 12.19 12.03 15.11
C ILE C 376 11.83 13.44 15.52
N ILE C 377 12.00 14.38 14.60
CA ILE C 377 11.60 15.76 14.83
C ILE C 377 10.53 16.11 13.83
N ARG C 378 9.44 16.66 14.32
CA ARG C 378 8.31 17.03 13.50
C ARG C 378 8.39 18.48 13.08
N PHE C 379 8.05 18.75 11.82
CA PHE C 379 8.03 20.10 11.26
C PHE C 379 6.65 20.35 10.69
N ALA C 380 5.87 21.19 11.37
CA ALA C 380 4.46 21.39 11.05
C ALA C 380 4.06 22.84 11.36
N PRO C 381 4.46 23.78 10.51
CA PRO C 381 4.15 25.20 10.78
C PRO C 381 2.72 25.53 10.41
N PRO C 382 2.17 26.65 10.90
CA PRO C 382 0.82 27.03 10.49
C PRO C 382 0.74 27.24 8.99
N LEU C 383 -0.43 26.92 8.42
CA LEU C 383 -0.59 26.86 6.98
C LEU C 383 -0.67 28.25 6.33
N VAL C 384 -0.67 29.30 7.15
CA VAL C 384 -0.64 30.66 6.63
C VAL C 384 0.79 31.13 6.39
N ILE C 385 1.78 30.25 6.62
CA ILE C 385 3.16 30.61 6.37
C ILE C 385 3.33 30.99 4.90
N LYS C 386 4.09 32.05 4.66
CA LYS C 386 4.43 32.45 3.29
C LYS C 386 5.72 31.77 2.86
N GLU C 387 5.95 31.74 1.54
CA GLU C 387 7.10 31.02 1.02
C GLU C 387 8.42 31.63 1.49
N ASP C 388 8.51 32.96 1.61
CA ASP C 388 9.78 33.52 2.08
C ASP C 388 9.95 33.30 3.59
N GLU C 389 8.84 33.30 4.35
CA GLU C 389 8.92 32.86 5.74
C GLU C 389 9.37 31.41 5.84
N LEU C 390 8.84 30.53 4.98
CA LEU C 390 9.31 29.15 4.91
C LEU C 390 10.81 29.08 4.65
N ARG C 391 11.31 29.88 3.70
CA ARG C 391 12.73 29.78 3.35
C ARG C 391 13.61 30.27 4.51
N GLU C 392 13.16 31.28 5.24
CA GLU C 392 13.88 31.70 6.44
C GLU C 392 13.99 30.55 7.45
N SER C 393 12.88 29.85 7.67
CA SER C 393 12.84 28.74 8.63
C SER C 393 13.79 27.62 8.24
N ILE C 394 13.79 27.26 6.94
CA ILE C 394 14.70 26.23 6.43
C ILE C 394 16.15 26.62 6.68
N GLU C 395 16.46 27.92 6.52
CA GLU C 395 17.79 28.39 6.83
C GLU C 395 18.16 28.06 8.28
N ILE C 396 17.24 28.34 9.20
CA ILE C 396 17.47 28.05 10.63
C ILE C 396 17.67 26.56 10.85
N ILE C 397 16.86 25.73 10.19
CA ILE C 397 16.99 24.28 10.32
C ILE C 397 18.32 23.81 9.76
N ASN C 398 18.67 24.28 8.56
CA ASN C 398 19.95 23.91 7.96
C ASN C 398 21.10 24.27 8.88
N LYS C 399 21.09 25.51 9.39
CA LYS C 399 22.17 25.99 10.24
C LYS C 399 22.27 25.15 11.50
N THR C 400 21.15 24.93 12.17
CA THR C 400 21.16 24.19 13.44
C THR C 400 21.71 22.78 13.25
N ILE C 401 21.21 22.06 12.24
CA ILE C 401 21.60 20.66 12.10
C ILE C 401 23.08 20.54 11.75
N LEU C 402 23.58 21.43 10.91
CA LEU C 402 24.99 21.33 10.51
C LEU C 402 25.94 21.95 11.53
N SER C 403 25.43 22.48 12.64
CA SER C 403 26.26 23.03 13.71
C SER C 403 26.69 21.98 14.74
N PHE C 404 26.36 20.71 14.52
CA PHE C 404 26.68 19.65 15.49
C PHE C 404 27.94 18.87 15.10
C01 IF1 D . 13.89 -22.08 3.84
C02 IF1 D . 15.28 -18.12 6.74
C03 IF1 D . 16.44 -19.38 8.47
C04 IF1 D . 13.48 -21.39 11.69
C05 IF1 D . 13.07 -21.38 13.04
C07 IF1 D . 11.72 -23.24 12.62
C08 IF1 D . 12.06 -23.30 11.28
C09 IF1 D . 12.98 -22.34 10.80
C11 IF1 D . 13.62 -20.32 14.02
C12 IF1 D . 11.48 -24.36 10.32
C18 IF1 D . 13.40 -22.39 9.31
C20 IF1 D . 14.34 -21.50 7.27
C21 IF1 D . 13.52 -22.22 6.32
C22 IF1 D . 14.50 -22.18 5.01
C23 IF1 D . 15.28 -20.72 5.32
C24 IF1 D . 15.26 -20.69 6.71
C25 IF1 D . 15.73 -19.41 7.38
F28 IF1 D . 15.84 -17.82 5.47
F29 IF1 D . 13.92 -18.27 6.61
F30 IF1 D . 15.66 -17.11 7.61
F31 IF1 D . 16.87 -20.53 9.14
F32 IF1 D . 16.78 -18.15 8.97
N06 IF1 D . 12.19 -22.30 13.46
N19 IF1 D . 13.96 -21.39 8.71
O10 IF1 D . 14.39 -20.40 11.23
O13 IF1 D . 12.48 -25.32 10.08
O15 IF1 D . 12.57 -25.66 7.59
O16 IF1 D . 13.22 -27.50 9.00
O17 IF1 D . 10.71 -26.79 8.74
O26 IF1 D . 12.91 -21.27 3.64
O27 IF1 D . 14.32 -22.78 2.89
P14 IF1 D . 12.26 -26.34 8.81
C10 VLS E . -6.11 -12.05 12.42
C02 VLS E . -3.41 -14.60 14.29
C03 VLS E . -4.77 -15.21 13.89
C04 VLS E . -4.58 -16.20 12.71
C06 VLS E . -5.46 -15.92 15.08
C09 VLS E . -5.08 -13.13 12.74
N08 VLS E . -5.71 -14.18 13.52
O01 VLS E . -3.64 -13.68 15.34
O05 VLS E . -3.78 -15.63 11.68
O07 VLS E . -4.84 -17.14 15.35
O11 VLS E . -7.34 -12.34 12.48
O12 VLS E . -5.73 -10.89 12.10
C01 IF1 F . -10.47 7.09 -37.56
C02 IF1 F . -7.54 4.70 -33.99
C03 IF1 F . -9.31 4.72 -32.29
C04 IF1 F . -9.72 9.15 -30.04
C05 IF1 F . -9.55 9.83 -28.83
C07 IF1 F . -10.42 11.80 -29.77
C08 IF1 F . -10.61 11.17 -31.01
C09 IF1 F . -10.25 9.82 -31.15
C11 IF1 F . -8.94 9.06 -27.64
C12 IF1 F . -11.18 11.94 -32.21
C18 IF1 F . -10.45 9.07 -32.50
C20 IF1 F . -10.10 7.28 -34.09
C21 IF1 F . -10.41 8.04 -35.26
C22 IF1 F . -10.82 6.85 -36.30
C23 IF1 F . -9.87 5.60 -35.69
C24 IF1 F . -9.77 5.97 -34.35
C25 IF1 F . -8.89 5.12 -33.47
F28 IF1 F . -7.66 3.61 -34.88
F29 IF1 F . -6.89 5.73 -34.63
F30 IF1 F . -6.79 4.30 -32.90
F31 IF1 F . -8.49 3.93 -31.50
F32 IF1 F . -10.54 5.09 -31.80
N06 IF1 F . -9.89 11.12 -28.72
N19 IF1 F . -9.87 7.95 -32.75
O10 IF1 F . -9.35 7.78 -30.18
O13 IF1 F . -12.52 11.60 -32.37
O15 IF1 F . -12.90 13.27 -34.26
O16 IF1 F . -12.71 10.98 -34.82
O17 IF1 F . -14.87 11.76 -33.54
O26 IF1 F . -9.47 7.84 -37.82
O27 IF1 F . -11.12 6.60 -38.52
P14 IF1 F . -13.24 11.93 -33.78
C01 IF1 G . -0.81 15.74 23.59
C02 IF1 G . 1.28 13.46 19.41
C03 IF1 G . -0.17 14.67 17.87
C04 IF1 G . -4.67 12.62 17.45
C05 IF1 G . -5.53 11.81 16.68
C07 IF1 G . -7.15 11.89 18.34
C08 IF1 G . -6.35 12.67 19.16
C09 IF1 G . -5.07 13.05 18.72
C11 IF1 G . -5.09 11.35 15.28
C12 IF1 G . -6.85 13.06 20.56
C18 IF1 G . -4.13 13.91 19.62
C20 IF1 G . -2.03 14.82 20.41
C21 IF1 G . -2.42 15.01 21.78
C22 IF1 G . -1.18 15.93 22.33
C23 IF1 G . 0.05 15.31 21.37
C24 IF1 G . -0.68 14.88 20.27
C25 IF1 G . 0.11 14.36 19.10
F28 IF1 G . 0.91 12.58 20.45
F29 IF1 G . 2.37 14.18 19.81
F30 IF1 G . 1.60 12.81 18.25
F31 IF1 G . -1.25 15.50 17.57
F32 IF1 G . 0.60 14.18 16.87
N06 IF1 G . -6.73 11.49 17.14
N19 IF1 G . -2.85 13.97 19.49
O10 IF1 G . -3.39 12.96 16.94
O13 IF1 G . -7.29 14.37 20.55
O15 IF1 G . -6.09 15.39 22.47
O16 IF1 G . -8.14 16.41 21.65
O17 IF1 G . -8.31 14.21 22.97
O26 IF1 G . -1.06 16.67 24.44
O27 IF1 G . -0.16 14.70 23.94
P14 IF1 G . -7.43 15.12 21.98
C10 VLS H . -3.91 -8.23 24.42
C02 VLS H . -8.03 -6.15 23.48
C03 VLS H . -6.60 -5.66 23.73
C04 VLS H . -6.00 -5.07 22.45
C06 VLS H . -6.59 -4.62 24.87
C09 VLS H . -4.45 -6.82 24.10
N08 VLS H . -5.91 -6.87 24.15
O01 VLS H . -8.88 -5.08 23.16
O05 VLS H . -5.99 -6.06 21.43
O07 VLS H . -5.33 -4.01 24.95
O11 VLS H . -4.73 -9.12 24.77
O12 VLS H . -2.65 -8.48 24.34
#